data_5U0U
#
_entry.id   5U0U
#
_cell.length_a   156.873
_cell.length_b   111.284
_cell.length_c   89.134
_cell.angle_alpha   90.000
_cell.angle_beta   120.460
_cell.angle_gamma   90.000
#
_symmetry.space_group_name_H-M   'C 1 2 1'
#
_entity_poly.entity_id   1
_entity_poly.type   'polypeptide(L)'
_entity_poly.pdbx_seq_one_letter_code
;QVQLVQSGAEMKKPGASVRVSCKASGYTFTDYYIHWVRQAPGQGPEWMGWINPSTGRTNSPQKFQGRVTMTRDTSISTAY
MDLNRLTSDDTAMYYCTTGGWIGLYSDTSGYPNFDYWGQGTLVTVSGGSGGGGSGGGGSGGQSALTQPASVSGSPGQSIT
ISCTGTNYDVGSYNLVSWYQQHPGKVPKYIIYEVNKRPSGVSNRFSGSKSGNTASLTISGLQAEDEATYYCCSYAGSSII
FFGGGTKLTVHHHHHH
;
_entity_poly.pdbx_strand_id   G,A,C,E
#
# COMPACT_ATOMS: atom_id res chain seq x y z
N GLN A 1 26.79 -13.44 17.95
CA GLN A 1 28.12 -13.76 17.44
C GLN A 1 28.07 -14.32 16.02
N VAL A 2 27.54 -13.53 15.09
CA VAL A 2 27.50 -13.97 13.69
C VAL A 2 28.91 -14.12 13.18
N GLN A 3 29.19 -15.28 12.58
CA GLN A 3 30.54 -15.59 12.16
C GLN A 3 30.52 -16.53 10.97
N LEU A 4 31.30 -16.19 9.95
CA LEU A 4 31.40 -17.02 8.76
C LEU A 4 32.81 -17.60 8.65
N VAL A 5 32.91 -18.92 8.62
CA VAL A 5 34.21 -19.59 8.59
C VAL A 5 34.43 -20.29 7.25
N GLN A 6 35.39 -19.78 6.49
CA GLN A 6 35.65 -20.29 5.15
C GLN A 6 36.68 -21.42 5.13
N SER A 7 36.77 -22.09 3.99
CA SER A 7 37.72 -23.20 3.81
C SER A 7 39.16 -22.70 3.81
N GLY A 8 40.11 -23.63 3.83
CA GLY A 8 41.52 -23.28 3.90
C GLY A 8 42.10 -22.74 2.61
N ALA A 9 43.25 -22.08 2.71
CA ALA A 9 43.93 -21.56 1.53
C ALA A 9 44.31 -22.71 0.61
N GLU A 10 44.24 -22.47 -0.69
CA GLU A 10 44.59 -23.51 -1.65
C GLU A 10 45.42 -22.90 -2.79
N MET A 11 46.21 -23.73 -3.47
CA MET A 11 46.92 -23.28 -4.66
C MET A 11 46.69 -24.30 -5.77
N LYS A 12 46.25 -23.82 -6.92
CA LYS A 12 45.87 -24.70 -8.02
C LYS A 12 46.64 -24.36 -9.29
N LYS A 13 46.80 -25.36 -10.16
CA LYS A 13 47.43 -25.19 -11.46
C LYS A 13 46.39 -24.79 -12.51
N PRO A 14 46.84 -24.13 -13.59
CA PRO A 14 45.91 -23.70 -14.64
C PRO A 14 45.10 -24.83 -15.28
N GLY A 15 43.80 -24.63 -15.36
CA GLY A 15 42.92 -25.62 -15.97
C GLY A 15 42.17 -26.46 -14.97
N ALA A 16 42.53 -26.32 -13.69
CA ALA A 16 41.91 -27.11 -12.65
C ALA A 16 40.58 -26.53 -12.20
N SER A 17 40.05 -27.08 -11.11
CA SER A 17 38.79 -26.62 -10.53
C SER A 17 39.03 -26.38 -9.04
N VAL A 18 38.23 -25.50 -8.43
CA VAL A 18 38.40 -25.22 -7.02
C VAL A 18 37.08 -25.07 -6.26
N ARG A 19 37.03 -25.59 -5.03
CA ARG A 19 35.86 -25.45 -4.18
C ARG A 19 36.18 -24.77 -2.88
N VAL A 20 35.48 -23.69 -2.61
CA VAL A 20 35.64 -22.96 -1.37
C VAL A 20 34.37 -23.15 -0.53
N SER A 21 34.57 -23.45 0.75
CA SER A 21 33.47 -23.66 1.69
C SER A 21 33.26 -22.45 2.59
N CYS A 22 32.08 -22.34 3.17
CA CYS A 22 31.76 -21.22 4.05
C CYS A 22 30.66 -21.58 5.05
N LYS A 23 31.05 -21.85 6.28
CA LYS A 23 30.11 -22.29 7.30
C LYS A 23 29.73 -21.12 8.19
N ALA A 24 28.47 -20.69 8.08
CA ALA A 24 27.96 -19.58 8.86
C ALA A 24 27.34 -20.08 10.15
N SER A 25 27.52 -19.31 11.22
CA SER A 25 26.94 -19.64 12.51
C SER A 25 26.58 -18.38 13.30
N GLY A 26 25.58 -18.51 14.16
CA GLY A 26 25.14 -17.40 14.98
C GLY A 26 23.87 -16.75 14.45
N TYR A 27 23.32 -17.32 13.37
CA TYR A 27 22.07 -16.84 12.79
C TYR A 27 21.41 -17.89 11.90
N THR A 28 20.18 -17.63 11.49
CA THR A 28 19.42 -18.55 10.64
C THR A 28 19.90 -18.48 9.19
N PHE A 29 20.59 -19.54 8.76
CA PHE A 29 21.23 -19.60 7.45
C PHE A 29 20.32 -19.27 6.27
N THR A 30 19.06 -19.70 6.35
CA THR A 30 18.13 -19.59 5.22
C THR A 30 17.34 -18.29 5.16
N ASP A 31 17.74 -17.29 5.94
CA ASP A 31 16.99 -16.04 5.97
C ASP A 31 17.79 -14.88 5.36
N TYR A 32 19.07 -15.11 5.08
CA TYR A 32 19.92 -14.05 4.54
C TYR A 32 20.66 -14.52 3.29
N TYR A 33 20.67 -13.69 2.26
CA TYR A 33 21.39 -14.00 1.02
C TYR A 33 22.87 -14.18 1.29
N ILE A 34 23.51 -15.07 0.54
CA ILE A 34 24.96 -15.20 0.66
C ILE A 34 25.60 -14.70 -0.62
N HIS A 35 26.55 -13.78 -0.49
CA HIS A 35 27.23 -13.23 -1.64
C HIS A 35 28.66 -13.73 -1.70
N TRP A 36 29.19 -13.86 -2.91
CA TRP A 36 30.58 -14.24 -3.09
C TRP A 36 31.32 -13.10 -3.80
N VAL A 37 32.44 -12.70 -3.22
CA VAL A 37 33.24 -11.59 -3.73
C VAL A 37 34.71 -12.04 -3.72
N ARG A 38 35.58 -11.40 -4.51
CA ARG A 38 37.00 -11.75 -4.50
C ARG A 38 37.87 -10.50 -4.71
N GLN A 39 39.14 -10.60 -4.32
CA GLN A 39 40.05 -9.46 -4.44
C GLN A 39 41.42 -9.85 -4.99
N ALA A 40 41.73 -9.38 -6.19
CA ALA A 40 43.03 -9.62 -6.81
C ALA A 40 44.13 -8.82 -6.13
N PRO A 41 45.32 -9.41 -5.97
CA PRO A 41 46.49 -8.77 -5.35
C PRO A 41 46.82 -7.44 -5.99
N GLY A 42 46.72 -6.36 -5.22
CA GLY A 42 47.00 -5.04 -5.73
C GLY A 42 45.77 -4.37 -6.30
N GLN A 43 44.88 -5.18 -6.85
CA GLN A 43 43.68 -4.67 -7.50
C GLN A 43 42.62 -4.38 -6.46
N GLY A 44 41.38 -4.20 -6.90
CA GLY A 44 40.30 -3.91 -5.99
C GLY A 44 39.41 -5.15 -5.94
N PRO A 45 38.17 -4.97 -5.49
CA PRO A 45 37.23 -6.09 -5.33
C PRO A 45 36.41 -6.33 -6.60
N GLU A 46 35.86 -7.53 -6.68
CA GLU A 46 35.07 -7.94 -7.84
C GLU A 46 33.92 -8.84 -7.41
N TRP A 47 32.69 -8.39 -7.63
CA TRP A 47 31.53 -9.16 -7.20
C TRP A 47 31.33 -10.40 -8.05
N MET A 48 31.28 -11.56 -7.38
CA MET A 48 31.21 -12.84 -8.07
C MET A 48 29.81 -13.44 -8.12
N GLY A 49 29.02 -13.27 -7.06
CA GLY A 49 27.65 -13.77 -7.16
C GLY A 49 26.77 -13.61 -5.94
N TRP A 50 25.51 -13.98 -6.08
CA TRP A 50 24.60 -14.13 -4.95
C TRP A 50 23.86 -15.46 -5.02
N ILE A 51 23.49 -15.97 -3.86
CA ILE A 51 22.77 -17.23 -3.76
C ILE A 51 21.79 -17.17 -2.60
N ASN A 52 20.57 -17.65 -2.88
CA ASN A 52 19.51 -17.77 -1.90
C ASN A 52 19.60 -19.13 -1.22
N PRO A 53 20.02 -19.14 0.06
CA PRO A 53 20.18 -20.40 0.79
C PRO A 53 18.87 -21.18 0.95
N SER A 54 17.77 -20.46 1.04
CA SER A 54 16.47 -21.09 1.27
C SER A 54 15.91 -21.78 0.03
N THR A 55 16.03 -21.13 -1.13
CA THR A 55 15.45 -21.68 -2.36
C THR A 55 16.49 -22.34 -3.26
N GLY A 56 17.72 -21.86 -3.17
CA GLY A 56 18.81 -22.43 -3.95
C GLY A 56 19.06 -21.69 -5.24
N ARG A 57 18.27 -20.66 -5.50
CA ARG A 57 18.43 -19.85 -6.70
C ARG A 57 19.73 -19.05 -6.60
N THR A 58 20.56 -19.12 -7.64
CA THR A 58 21.83 -18.40 -7.66
C THR A 58 21.98 -17.57 -8.93
N ASN A 59 22.62 -16.41 -8.82
CA ASN A 59 22.99 -15.65 -10.01
C ASN A 59 24.35 -15.02 -9.85
N SER A 60 25.14 -15.09 -10.90
CA SER A 60 26.50 -14.57 -10.91
C SER A 60 26.58 -13.68 -12.15
N PRO A 61 27.60 -12.80 -12.26
CA PRO A 61 27.54 -11.95 -13.45
C PRO A 61 27.81 -12.71 -14.75
N GLN A 62 27.83 -12.00 -15.87
CA GLN A 62 27.99 -12.63 -17.18
C GLN A 62 29.44 -12.82 -17.64
N LYS A 63 30.35 -13.01 -16.68
CA LYS A 63 31.76 -13.25 -16.99
C LYS A 63 32.19 -14.49 -16.21
N PHE A 64 31.34 -14.86 -15.27
CA PHE A 64 31.49 -16.05 -14.46
C PHE A 64 30.38 -17.04 -14.77
N GLN A 65 29.41 -16.59 -15.57
CA GLN A 65 28.16 -17.30 -15.83
C GLN A 65 28.34 -18.74 -16.31
N GLY A 66 29.53 -19.06 -16.82
CA GLY A 66 29.80 -20.40 -17.28
C GLY A 66 30.73 -21.17 -16.35
N ARG A 67 31.55 -20.43 -15.61
CA ARG A 67 32.59 -21.05 -14.78
C ARG A 67 32.22 -21.25 -13.31
N VAL A 68 31.31 -20.45 -12.78
CA VAL A 68 31.00 -20.49 -11.36
C VAL A 68 29.74 -21.31 -11.06
N THR A 69 29.85 -22.22 -10.11
CA THR A 69 28.72 -23.00 -9.63
C THR A 69 28.60 -22.82 -8.13
N MET A 70 27.57 -22.08 -7.71
CA MET A 70 27.34 -21.78 -6.30
C MET A 70 26.22 -22.65 -5.74
N THR A 71 26.52 -23.37 -4.67
CA THR A 71 25.54 -24.26 -4.07
C THR A 71 25.49 -24.07 -2.57
N ARG A 72 24.60 -24.80 -1.89
CA ARG A 72 24.49 -24.72 -0.45
C ARG A 72 24.05 -26.06 0.15
N ASP A 73 24.37 -26.27 1.42
CA ASP A 73 23.96 -27.44 2.18
C ASP A 73 23.25 -26.96 3.45
N THR A 74 21.92 -27.05 3.44
CA THR A 74 21.12 -26.51 4.53
C THR A 74 21.20 -27.34 5.80
N SER A 75 21.40 -28.64 5.65
CA SER A 75 21.45 -29.55 6.78
C SER A 75 22.61 -29.23 7.72
N ILE A 76 23.71 -28.74 7.15
CA ILE A 76 24.89 -28.37 7.91
C ILE A 76 25.17 -26.87 7.87
N SER A 77 24.33 -26.15 7.14
CA SER A 77 24.41 -24.69 6.98
C SER A 77 25.78 -24.28 6.44
N THR A 78 26.06 -24.65 5.19
CA THR A 78 27.34 -24.34 4.59
C THR A 78 27.20 -23.95 3.13
N ALA A 79 27.80 -22.83 2.74
CA ALA A 79 27.75 -22.39 1.34
C ALA A 79 29.00 -22.84 0.58
N TYR A 80 28.83 -23.15 -0.71
CA TYR A 80 29.94 -23.64 -1.51
C TYR A 80 30.06 -22.86 -2.81
N MET A 81 31.30 -22.57 -3.17
CA MET A 81 31.59 -21.87 -4.42
C MET A 81 32.58 -22.69 -5.25
N ASP A 82 32.20 -23.01 -6.49
CA ASP A 82 33.05 -23.83 -7.35
C ASP A 82 33.46 -23.06 -8.60
N LEU A 83 34.76 -22.89 -8.81
CA LEU A 83 35.26 -22.17 -9.97
C LEU A 83 36.04 -23.09 -10.89
N ASN A 84 35.77 -23.02 -12.19
CA ASN A 84 36.43 -23.87 -13.17
C ASN A 84 37.31 -23.10 -14.14
N ARG A 85 38.13 -23.84 -14.89
CA ARG A 85 39.07 -23.26 -15.85
C ARG A 85 39.87 -22.12 -15.22
N LEU A 86 40.75 -22.46 -14.30
CA LEU A 86 41.51 -21.45 -13.58
C LEU A 86 42.68 -20.95 -14.42
N THR A 87 42.97 -19.65 -14.29
CA THR A 87 44.11 -19.02 -14.95
C THR A 87 44.84 -18.16 -13.93
N SER A 88 45.94 -17.55 -14.34
CA SER A 88 46.69 -16.69 -13.45
C SER A 88 45.88 -15.46 -13.02
N ASP A 89 44.83 -15.17 -13.78
CA ASP A 89 43.95 -14.05 -13.52
C ASP A 89 42.95 -14.31 -12.39
N ASP A 90 42.82 -15.57 -11.99
CA ASP A 90 41.89 -15.94 -10.93
C ASP A 90 42.55 -15.95 -9.55
N THR A 91 43.87 -15.72 -9.51
CA THR A 91 44.57 -15.61 -8.23
C THR A 91 44.04 -14.41 -7.45
N ALA A 92 43.33 -14.68 -6.36
CA ALA A 92 42.72 -13.63 -5.55
C ALA A 92 42.30 -14.16 -4.18
N MET A 93 41.91 -13.24 -3.29
CA MET A 93 41.38 -13.59 -1.97
C MET A 93 39.86 -13.67 -2.02
N TYR A 94 39.32 -14.83 -1.67
CA TYR A 94 37.88 -15.06 -1.80
C TYR A 94 37.09 -14.91 -0.51
N TYR A 95 36.12 -13.99 -0.53
CA TYR A 95 35.28 -13.74 0.63
C TYR A 95 33.83 -14.15 0.36
N CYS A 96 33.14 -14.64 1.39
CA CYS A 96 31.70 -14.79 1.33
C CYS A 96 31.10 -13.85 2.35
N THR A 97 30.00 -13.19 2.00
CA THR A 97 29.40 -12.21 2.90
C THR A 97 27.91 -12.48 3.05
N THR A 98 27.30 -11.87 4.05
CA THR A 98 25.86 -11.99 4.27
C THR A 98 25.18 -10.85 3.54
N GLY A 99 24.12 -11.15 2.80
CA GLY A 99 23.42 -10.15 2.02
C GLY A 99 22.20 -9.58 2.72
N GLY A 100 21.17 -9.24 1.95
CA GLY A 100 19.95 -8.71 2.54
C GLY A 100 19.07 -9.83 3.07
N TRP A 101 17.98 -9.47 3.73
CA TRP A 101 17.08 -10.46 4.30
C TRP A 101 16.19 -11.07 3.23
N ILE A 102 16.12 -12.39 3.20
CA ILE A 102 15.25 -13.07 2.23
C ILE A 102 13.81 -12.81 2.65
N GLY A 103 13.12 -11.98 1.88
CA GLY A 103 11.79 -11.53 2.24
C GLY A 103 10.68 -12.05 1.35
N LEU A 104 9.45 -11.98 1.85
CA LEU A 104 8.28 -12.39 1.09
C LEU A 104 7.84 -11.24 0.20
N TYR A 105 7.69 -10.07 0.80
CA TYR A 105 7.20 -8.89 0.08
C TYR A 105 8.28 -8.01 -0.56
N SER A 106 9.49 -8.53 -0.75
CA SER A 106 10.56 -7.71 -1.34
C SER A 106 11.51 -8.52 -2.20
N ASP A 107 12.64 -7.91 -2.55
CA ASP A 107 13.68 -8.64 -3.26
C ASP A 107 15.01 -8.00 -2.89
N THR A 108 15.66 -8.57 -1.89
CA THR A 108 16.90 -7.99 -1.37
C THR A 108 18.13 -8.73 -1.87
N SER A 109 17.98 -9.40 -3.01
CA SER A 109 19.09 -10.15 -3.58
C SER A 109 20.22 -9.23 -4.01
N GLY A 110 19.87 -8.16 -4.73
CA GLY A 110 20.86 -7.28 -5.32
C GLY A 110 21.30 -6.18 -4.38
N TYR A 111 20.87 -6.23 -3.12
CA TYR A 111 21.29 -5.26 -2.14
C TYR A 111 22.75 -5.44 -1.77
N PRO A 112 23.58 -4.44 -2.09
CA PRO A 112 25.00 -4.49 -1.73
C PRO A 112 25.23 -4.28 -0.24
N ASN A 113 24.48 -5.00 0.59
CA ASN A 113 24.55 -4.86 2.03
C ASN A 113 25.32 -6.01 2.67
N PHE A 114 26.66 -5.89 2.68
CA PHE A 114 27.50 -6.94 3.22
C PHE A 114 27.97 -6.60 4.64
N ASP A 115 27.15 -6.91 5.63
CA ASP A 115 27.46 -6.54 7.02
C ASP A 115 28.49 -7.48 7.66
N TYR A 116 28.46 -8.76 7.30
CA TYR A 116 29.37 -9.74 7.88
C TYR A 116 30.24 -10.45 6.84
N TRP A 117 31.53 -10.57 7.13
CA TRP A 117 32.47 -11.15 6.18
C TRP A 117 33.17 -12.38 6.74
N GLY A 118 33.65 -13.24 5.83
CA GLY A 118 34.46 -14.38 6.20
C GLY A 118 35.89 -13.93 6.42
N GLN A 119 36.78 -14.86 6.75
CA GLN A 119 38.17 -14.52 6.98
C GLN A 119 38.96 -14.48 5.66
N GLY A 120 38.39 -15.09 4.63
CA GLY A 120 38.99 -15.06 3.31
C GLY A 120 39.71 -16.35 2.96
N THR A 121 39.66 -16.72 1.69
CA THR A 121 40.32 -17.93 1.21
C THR A 121 41.26 -17.56 0.07
N LEU A 122 42.56 -17.62 0.33
CA LEU A 122 43.57 -17.26 -0.66
C LEU A 122 43.79 -18.40 -1.65
N VAL A 123 43.59 -18.12 -2.92
CA VAL A 123 43.78 -19.10 -3.99
C VAL A 123 44.80 -18.60 -5.01
N THR A 124 45.83 -19.38 -5.29
CA THR A 124 46.88 -18.97 -6.23
C THR A 124 47.01 -19.94 -7.39
N VAL A 125 46.91 -19.43 -8.61
CA VAL A 125 47.04 -20.26 -9.80
C VAL A 125 48.29 -19.91 -10.58
N SER A 126 49.14 -20.89 -10.84
CA SER A 126 50.38 -20.66 -11.58
C SER A 126 50.96 -21.97 -12.12
N SER A 143 36.31 -2.09 -15.45
CA SER A 143 36.57 -1.02 -14.48
C SER A 143 35.31 -0.67 -13.67
N ALA A 144 34.15 -0.81 -14.31
CA ALA A 144 32.85 -0.57 -13.67
C ALA A 144 32.67 0.88 -13.22
N LEU A 145 32.44 1.08 -11.92
CA LEU A 145 32.19 2.41 -11.37
C LEU A 145 33.49 3.20 -11.20
N THR A 146 33.45 4.49 -11.51
CA THR A 146 34.66 5.31 -11.50
C THR A 146 34.89 6.09 -10.19
N GLN A 147 35.93 5.71 -9.45
CA GLN A 147 36.37 6.45 -8.27
C GLN A 147 37.71 7.11 -8.57
N PRO A 148 38.00 8.27 -7.94
CA PRO A 148 39.31 8.91 -8.06
C PRO A 148 40.43 8.04 -7.52
N ALA A 149 41.64 8.21 -8.01
CA ALA A 149 42.73 7.32 -7.60
C ALA A 149 43.07 7.52 -6.13
N SER A 150 43.39 8.75 -5.75
CA SER A 150 43.74 9.06 -4.37
C SER A 150 43.12 10.38 -3.95
N VAL A 151 42.84 10.50 -2.66
CA VAL A 151 42.30 11.74 -2.10
C VAL A 151 43.09 12.05 -0.83
N SER A 152 43.51 13.32 -0.70
CA SER A 152 44.38 13.72 0.40
C SER A 152 43.73 14.71 1.35
N GLY A 153 44.07 14.58 2.62
CA GLY A 153 43.56 15.49 3.63
C GLY A 153 44.51 15.60 4.80
N SER A 154 44.34 16.65 5.59
CA SER A 154 45.12 16.84 6.80
C SER A 154 44.20 16.57 7.99
N PRO A 155 44.77 16.17 9.14
CA PRO A 155 43.93 15.87 10.32
C PRO A 155 43.01 17.02 10.66
N GLY A 156 41.80 16.71 11.11
CA GLY A 156 40.83 17.74 11.45
C GLY A 156 39.97 18.18 10.29
N GLN A 157 40.53 18.14 9.07
CA GLN A 157 39.79 18.58 7.88
C GLN A 157 38.63 17.66 7.53
N SER A 158 37.92 18.03 6.47
CA SER A 158 36.82 17.22 5.97
C SER A 158 37.05 16.92 4.49
N ILE A 159 36.98 15.64 4.12
CA ILE A 159 37.24 15.23 2.75
C ILE A 159 36.06 14.43 2.19
N THR A 160 35.98 14.37 0.87
CA THR A 160 34.87 13.70 0.19
C THR A 160 35.35 12.81 -0.93
N ILE A 161 34.89 11.55 -0.94
CA ILE A 161 35.20 10.64 -2.02
C ILE A 161 33.99 10.47 -2.94
N SER A 162 34.23 10.64 -4.24
CA SER A 162 33.17 10.60 -5.23
C SER A 162 33.08 9.22 -5.87
N CYS A 163 31.88 8.89 -6.35
CA CYS A 163 31.62 7.60 -6.97
C CYS A 163 30.63 7.80 -8.11
N THR A 164 31.14 7.82 -9.34
CA THR A 164 30.30 8.13 -10.49
C THR A 164 29.87 6.87 -11.21
N GLY A 165 28.57 6.76 -11.49
CA GLY A 165 28.03 5.64 -12.22
C GLY A 165 27.25 6.09 -13.44
N THR A 166 26.17 5.38 -13.74
CA THR A 166 25.32 5.71 -14.88
C THR A 166 23.90 6.00 -14.45
N ASN A 167 22.97 6.02 -15.40
CA ASN A 167 21.58 6.31 -15.09
C ASN A 167 20.85 5.05 -14.62
N TYR A 168 21.35 3.89 -15.03
CA TYR A 168 20.66 2.63 -14.77
C TYR A 168 21.03 2.03 -13.42
N ASP A 169 21.99 2.65 -12.74
CA ASP A 169 22.41 2.15 -11.43
C ASP A 169 22.29 3.23 -10.35
N VAL A 170 23.38 3.95 -10.10
CA VAL A 170 23.39 4.96 -9.04
C VAL A 170 22.49 6.15 -9.35
N GLY A 171 22.02 6.22 -10.59
CA GLY A 171 21.13 7.28 -11.02
C GLY A 171 19.69 6.96 -10.62
N SER A 172 19.36 5.68 -10.67
CA SER A 172 17.99 5.23 -10.45
C SER A 172 17.78 4.36 -9.22
N TYR A 173 18.77 4.27 -8.35
CA TYR A 173 18.62 3.48 -7.13
C TYR A 173 19.35 4.16 -5.98
N ASN A 174 18.73 4.16 -4.80
CA ASN A 174 19.47 4.60 -3.63
C ASN A 174 20.10 3.37 -2.97
N LEU A 175 20.82 2.60 -3.78
CA LEU A 175 21.38 1.33 -3.33
C LEU A 175 22.89 1.29 -3.50
N VAL A 176 23.56 2.23 -2.83
CA VAL A 176 25.01 2.31 -2.83
C VAL A 176 25.52 2.07 -1.41
N SER A 177 26.56 1.26 -1.27
CA SER A 177 27.15 0.99 0.03
C SER A 177 28.65 1.26 0.02
N TRP A 178 29.19 1.81 1.09
CA TRP A 178 30.61 2.13 1.14
C TRP A 178 31.33 1.24 2.14
N TYR A 179 32.50 0.75 1.72
CA TYR A 179 33.31 -0.16 2.51
C TYR A 179 34.74 0.37 2.68
N GLN A 180 35.33 0.11 3.86
CA GLN A 180 36.69 0.52 4.17
C GLN A 180 37.62 -0.68 4.22
N GLN A 181 38.84 -0.50 3.76
CA GLN A 181 39.82 -1.58 3.83
C GLN A 181 41.21 -1.08 4.15
N HIS A 182 41.72 -1.50 5.29
CA HIS A 182 43.13 -1.33 5.62
C HIS A 182 43.92 -2.42 4.90
N PRO A 183 45.19 -2.14 4.56
CA PRO A 183 46.04 -3.14 3.90
C PRO A 183 46.20 -4.42 4.72
N GLY A 184 45.76 -5.55 4.16
CA GLY A 184 45.89 -6.83 4.83
C GLY A 184 44.70 -7.20 5.70
N LYS A 185 43.69 -6.33 5.71
CA LYS A 185 42.49 -6.54 6.52
C LYS A 185 41.24 -6.78 5.66
N VAL A 186 40.21 -7.35 6.27
CA VAL A 186 38.93 -7.59 5.60
C VAL A 186 38.18 -6.27 5.46
N PRO A 187 37.50 -6.08 4.31
CA PRO A 187 36.66 -4.89 4.13
C PRO A 187 35.66 -4.67 5.26
N LYS A 188 35.33 -3.41 5.50
CA LYS A 188 34.44 -3.05 6.60
C LYS A 188 33.23 -2.27 6.11
N TYR A 189 32.06 -2.63 6.63
CA TYR A 189 30.82 -1.91 6.39
C TYR A 189 30.95 -0.47 6.87
N ILE A 190 30.71 0.51 6.00
CA ILE A 190 30.70 1.91 6.44
C ILE A 190 29.34 2.52 6.21
N ILE A 191 28.88 2.47 4.97
CA ILE A 191 27.61 3.09 4.61
C ILE A 191 26.76 2.07 3.84
N TYR A 192 25.45 2.15 3.99
CA TYR A 192 24.54 1.31 3.20
C TYR A 192 23.32 2.12 2.81
N GLU A 193 22.81 1.87 1.62
CA GLU A 193 21.67 2.60 1.09
C GLU A 193 21.99 4.11 1.11
N VAL A 194 23.13 4.44 0.51
CA VAL A 194 23.59 5.81 0.26
C VAL A 194 24.02 6.60 1.50
N ASN A 195 23.13 6.73 2.49
CA ASN A 195 23.40 7.60 3.62
C ASN A 195 23.41 6.97 5.03
N LYS A 196 22.88 5.75 5.16
CA LYS A 196 22.67 5.15 6.48
C LYS A 196 23.93 4.53 7.08
N ARG A 197 24.06 4.63 8.40
CA ARG A 197 25.19 4.06 9.13
C ARG A 197 24.81 2.83 9.96
N PRO A 198 25.61 1.74 9.83
CA PRO A 198 25.55 0.53 10.66
C PRO A 198 25.99 0.78 12.09
N SER A 199 25.93 -0.24 12.94
CA SER A 199 26.34 -0.09 14.33
C SER A 199 27.86 0.03 14.45
N GLY A 200 28.30 0.89 15.36
CA GLY A 200 29.72 1.01 15.63
C GLY A 200 30.43 1.96 14.68
N VAL A 201 29.74 2.32 13.60
CA VAL A 201 30.32 3.21 12.61
C VAL A 201 30.35 4.64 13.15
N SER A 202 31.52 5.25 13.14
CA SER A 202 31.70 6.61 13.65
C SER A 202 30.75 7.57 12.93
N ASN A 203 30.15 8.51 13.65
CA ASN A 203 29.22 9.46 13.05
C ASN A 203 29.90 10.46 12.10
N ARG A 204 31.22 10.34 11.97
CA ARG A 204 32.02 11.18 11.09
C ARG A 204 31.77 10.85 9.61
N PHE A 205 31.21 9.67 9.36
CA PHE A 205 30.91 9.22 8.01
C PHE A 205 29.47 9.53 7.63
N SER A 206 29.29 10.21 6.51
CA SER A 206 27.95 10.54 6.04
C SER A 206 27.82 10.24 4.56
N GLY A 207 26.62 9.88 4.13
CA GLY A 207 26.43 9.56 2.73
C GLY A 207 25.62 10.61 2.01
N SER A 208 25.89 10.76 0.72
CA SER A 208 25.19 11.75 -0.10
C SER A 208 25.03 11.25 -1.53
N LYS A 209 24.12 11.87 -2.27
CA LYS A 209 23.82 11.43 -3.63
C LYS A 209 23.31 12.57 -4.51
N SER A 210 23.83 12.62 -5.74
CA SER A 210 23.36 13.58 -6.74
C SER A 210 23.52 13.01 -8.15
N GLY A 211 22.40 12.94 -8.87
CA GLY A 211 22.42 12.45 -10.23
C GLY A 211 22.94 11.04 -10.35
N ASN A 212 24.03 10.89 -11.11
CA ASN A 212 24.65 9.59 -11.30
C ASN A 212 25.96 9.53 -10.50
N THR A 213 25.99 10.22 -9.36
CA THR A 213 27.20 10.27 -8.53
C THR A 213 26.85 10.25 -7.05
N ALA A 214 27.33 9.23 -6.33
CA ALA A 214 27.19 9.18 -4.88
C ALA A 214 28.48 9.64 -4.23
N SER A 215 28.42 10.02 -2.95
CA SER A 215 29.61 10.54 -2.29
C SER A 215 29.67 10.23 -0.81
N LEU A 216 30.85 9.80 -0.37
CA LEU A 216 31.11 9.52 1.04
C LEU A 216 31.87 10.68 1.67
N THR A 217 31.34 11.21 2.76
CA THR A 217 31.92 12.38 3.41
C THR A 217 32.49 12.06 4.79
N ILE A 218 33.78 12.34 4.97
CA ILE A 218 34.42 12.16 6.28
C ILE A 218 34.81 13.50 6.87
N SER A 219 34.20 13.86 8.00
CA SER A 219 34.51 15.11 8.68
C SER A 219 35.38 14.80 9.89
N GLY A 220 36.15 15.78 10.33
CA GLY A 220 37.11 15.58 11.41
C GLY A 220 38.05 14.45 11.06
N LEU A 221 38.70 14.57 9.90
CA LEU A 221 39.56 13.51 9.39
C LEU A 221 40.63 13.14 10.39
N GLN A 222 40.95 11.84 10.46
CA GLN A 222 41.90 11.32 11.44
C GLN A 222 42.86 10.30 10.82
N ALA A 223 43.85 9.88 11.60
CA ALA A 223 44.87 8.96 11.10
C ALA A 223 44.31 7.55 10.92
N GLU A 224 43.27 7.23 11.67
CA GLU A 224 42.63 5.93 11.59
C GLU A 224 41.89 5.80 10.26
N ASP A 225 41.67 6.93 9.61
CA ASP A 225 40.90 6.97 8.38
C ASP A 225 41.76 6.64 7.17
N GLU A 226 43.07 6.44 7.37
CA GLU A 226 43.96 6.05 6.28
C GLU A 226 43.70 4.63 5.82
N ALA A 227 43.02 4.50 4.68
CA ALA A 227 42.70 3.20 4.10
C ALA A 227 42.20 3.40 2.69
N THR A 228 41.81 2.30 2.04
CA THR A 228 41.23 2.39 0.72
C THR A 228 39.72 2.23 0.85
N TYR A 229 38.97 3.01 0.09
CA TYR A 229 37.53 3.02 0.21
C TYR A 229 36.86 2.59 -1.08
N TYR A 230 35.94 1.64 -0.99
CA TYR A 230 35.27 1.15 -2.19
C TYR A 230 33.76 1.39 -2.12
N CYS A 231 33.15 1.58 -3.29
CA CYS A 231 31.70 1.78 -3.34
C CYS A 231 31.04 0.67 -4.14
N CYS A 232 29.91 0.19 -3.62
CA CYS A 232 29.13 -0.89 -4.19
C CYS A 232 27.78 -0.38 -4.63
N SER A 233 27.28 -0.87 -5.76
CA SER A 233 25.95 -0.45 -6.18
C SER A 233 25.18 -1.54 -6.88
N TYR A 234 23.85 -1.39 -6.94
CA TYR A 234 23.02 -2.27 -7.75
C TYR A 234 23.43 -2.07 -9.22
N ALA A 235 23.12 -3.03 -10.09
CA ALA A 235 23.69 -3.00 -11.44
C ALA A 235 22.72 -3.43 -12.53
N GLY A 236 21.43 -3.46 -12.22
CA GLY A 236 20.45 -3.84 -13.22
C GLY A 236 19.84 -5.21 -12.97
N SER A 237 19.96 -6.10 -13.96
CA SER A 237 19.32 -7.41 -13.89
C SER A 237 19.94 -8.31 -12.80
N SER A 238 19.55 -8.02 -11.55
CA SER A 238 19.97 -8.78 -10.37
C SER A 238 21.48 -9.01 -10.30
N ILE A 239 22.25 -7.93 -10.46
CA ILE A 239 23.71 -7.98 -10.45
C ILE A 239 24.24 -6.79 -9.63
N ILE A 240 25.46 -6.89 -9.09
CA ILE A 240 26.06 -5.82 -8.29
C ILE A 240 27.42 -5.36 -8.86
N PHE A 241 27.72 -4.07 -8.70
CA PHE A 241 28.97 -3.46 -9.15
C PHE A 241 29.84 -3.08 -7.98
N PHE A 242 31.15 -3.14 -8.18
CA PHE A 242 32.12 -2.63 -7.22
C PHE A 242 32.87 -1.47 -7.85
N GLY A 243 33.51 -0.65 -7.02
CA GLY A 243 34.29 0.46 -7.54
C GLY A 243 35.75 0.11 -7.71
N GLY A 244 36.53 1.03 -8.27
CA GLY A 244 37.95 0.80 -8.48
C GLY A 244 38.75 1.05 -7.21
N GLY A 245 38.22 1.93 -6.37
CA GLY A 245 38.85 2.28 -5.11
C GLY A 245 39.50 3.64 -5.07
N THR A 246 39.67 4.17 -3.87
CA THR A 246 40.28 5.48 -3.67
C THR A 246 41.12 5.43 -2.41
N LYS A 247 42.39 5.82 -2.50
CA LYS A 247 43.25 5.80 -1.32
C LYS A 247 43.27 7.13 -0.61
N LEU A 248 42.86 7.10 0.66
CA LEU A 248 42.91 8.32 1.45
C LEU A 248 44.26 8.43 2.13
N THR A 249 44.88 9.60 1.99
CA THR A 249 46.14 9.86 2.66
C THR A 249 46.00 11.02 3.65
N VAL A 250 46.48 10.83 4.87
CA VAL A 250 46.36 11.84 5.93
C VAL A 250 47.70 12.52 6.22
N HIS A 251 47.75 13.82 5.97
CA HIS A 251 48.96 14.60 6.14
C HIS A 251 49.33 14.87 7.61
N GLN B 1 -9.36 11.33 -10.12
CA GLN B 1 -9.72 10.92 -11.48
C GLN B 1 -8.49 10.47 -12.25
N VAL B 2 -7.83 9.43 -11.76
CA VAL B 2 -6.68 8.85 -12.46
C VAL B 2 -7.12 8.22 -13.78
N GLN B 3 -6.44 8.55 -14.87
CA GLN B 3 -6.87 8.09 -16.18
C GLN B 3 -5.69 7.94 -17.15
N LEU B 4 -5.63 6.79 -17.82
CA LEU B 4 -4.59 6.50 -18.80
C LEU B 4 -5.19 6.43 -20.20
N VAL B 5 -4.68 7.26 -21.11
CA VAL B 5 -5.23 7.34 -22.46
C VAL B 5 -4.23 6.82 -23.50
N GLN B 6 -4.55 5.69 -24.12
CA GLN B 6 -3.62 5.08 -25.08
C GLN B 6 -3.88 5.57 -26.49
N SER B 7 -2.93 5.32 -27.39
CA SER B 7 -3.06 5.74 -28.78
C SER B 7 -4.14 4.93 -29.49
N GLY B 8 -4.45 5.32 -30.72
CA GLY B 8 -5.48 4.65 -31.49
C GLY B 8 -5.04 3.29 -32.04
N ALA B 9 -6.02 2.49 -32.46
CA ALA B 9 -5.75 1.17 -33.04
C ALA B 9 -4.93 1.29 -34.31
N GLU B 10 -4.06 0.31 -34.56
CA GLU B 10 -3.20 0.36 -35.75
C GLU B 10 -3.16 -1.00 -36.45
N MET B 11 -2.81 -0.98 -37.74
CA MET B 11 -2.64 -2.20 -38.52
C MET B 11 -1.29 -2.17 -39.23
N LYS B 12 -0.50 -3.22 -39.07
CA LYS B 12 0.87 -3.27 -39.58
C LYS B 12 1.12 -4.52 -40.42
N LYS B 13 2.08 -4.45 -41.33
CA LYS B 13 2.46 -5.60 -42.13
C LYS B 13 3.53 -6.42 -41.39
N PRO B 14 3.63 -7.73 -41.71
CA PRO B 14 4.64 -8.59 -41.08
C PRO B 14 6.07 -8.09 -41.29
N GLY B 15 6.81 -7.97 -40.19
CA GLY B 15 8.19 -7.51 -40.23
C GLY B 15 8.35 -6.05 -39.84
N ALA B 16 7.22 -5.35 -39.73
CA ALA B 16 7.23 -3.91 -39.43
C ALA B 16 7.36 -3.63 -37.94
N SER B 17 7.15 -2.36 -37.58
CA SER B 17 7.25 -1.91 -36.19
C SER B 17 5.99 -1.15 -35.78
N VAL B 18 5.72 -1.13 -34.48
CA VAL B 18 4.53 -0.45 -33.96
C VAL B 18 4.86 0.33 -32.69
N ARG B 19 4.26 1.52 -32.55
CA ARG B 19 4.52 2.35 -31.38
C ARG B 19 3.21 2.73 -30.71
N VAL B 20 3.06 2.36 -29.44
CA VAL B 20 1.86 2.69 -28.69
C VAL B 20 2.14 3.74 -27.62
N SER B 21 1.26 4.73 -27.53
CA SER B 21 1.39 5.79 -26.55
C SER B 21 0.47 5.54 -25.38
N CYS B 22 0.77 6.18 -24.25
CA CYS B 22 -0.04 6.04 -23.07
C CYS B 22 0.12 7.25 -22.16
N LYS B 23 -0.87 8.14 -22.16
CA LYS B 23 -0.77 9.38 -21.41
C LYS B 23 -1.58 9.33 -20.12
N ALA B 24 -0.88 9.34 -18.98
CA ALA B 24 -1.51 9.28 -17.68
C ALA B 24 -1.79 10.67 -17.13
N SER B 25 -2.91 10.81 -16.41
CA SER B 25 -3.27 12.08 -15.78
C SER B 25 -4.03 11.84 -14.48
N GLY B 26 -3.93 12.79 -13.55
CA GLY B 26 -4.62 12.68 -12.28
C GLY B 26 -3.69 12.25 -11.14
N TYR B 27 -2.40 12.12 -11.44
CA TYR B 27 -1.39 11.77 -10.44
C TYR B 27 0.01 12.14 -10.94
N THR B 28 1.01 12.06 -10.06
CA THR B 28 2.38 12.39 -10.43
C THR B 28 3.04 11.25 -11.22
N PHE B 29 3.22 11.47 -12.52
CA PHE B 29 3.70 10.46 -13.46
C PHE B 29 5.02 9.77 -13.07
N THR B 30 5.94 10.53 -12.49
CA THR B 30 7.29 10.03 -12.22
C THR B 30 7.40 9.34 -10.87
N ASP B 31 6.26 9.05 -10.25
CA ASP B 31 6.28 8.45 -8.92
C ASP B 31 5.74 7.01 -8.89
N TYR B 32 5.13 6.58 -10.00
CA TYR B 32 4.52 5.25 -10.07
C TYR B 32 5.04 4.49 -11.31
N TYR B 33 5.40 3.22 -11.12
CA TYR B 33 5.86 2.38 -12.22
C TYR B 33 4.78 2.22 -13.28
N ILE B 34 5.20 2.11 -14.54
CA ILE B 34 4.25 1.83 -15.61
C ILE B 34 4.49 0.43 -16.16
N HIS B 35 3.44 -0.37 -16.22
CA HIS B 35 3.56 -1.74 -16.74
C HIS B 35 2.90 -1.89 -18.10
N TRP B 36 3.44 -2.75 -18.93
CA TRP B 36 2.84 -3.04 -20.23
C TRP B 36 2.49 -4.53 -20.31
N VAL B 37 1.24 -4.81 -20.69
CA VAL B 37 0.72 -6.17 -20.76
C VAL B 37 -0.02 -6.30 -22.09
N ARG B 38 -0.23 -7.50 -22.58
CA ARG B 38 -1.01 -7.68 -23.80
C ARG B 38 -1.85 -8.95 -23.74
N GLN B 39 -2.90 -8.99 -24.55
CA GLN B 39 -3.78 -10.14 -24.57
C GLN B 39 -4.12 -10.57 -25.98
N ALA B 40 -3.66 -11.75 -26.37
CA ALA B 40 -3.95 -12.31 -27.68
C ALA B 40 -5.43 -12.71 -27.77
N PRO B 41 -6.04 -12.53 -28.96
CA PRO B 41 -7.45 -12.85 -29.19
C PRO B 41 -7.83 -14.26 -28.77
N GLY B 42 -8.71 -14.39 -27.78
CA GLY B 42 -9.12 -15.70 -27.33
C GLY B 42 -8.23 -16.23 -26.23
N GLN B 43 -6.97 -15.83 -26.29
CA GLN B 43 -5.94 -16.32 -25.37
C GLN B 43 -6.05 -15.57 -24.05
N GLY B 44 -5.01 -15.66 -23.23
CA GLY B 44 -5.00 -15.00 -21.95
C GLY B 44 -4.02 -13.85 -21.96
N PRO B 45 -3.57 -13.43 -20.78
CA PRO B 45 -2.70 -12.26 -20.66
C PRO B 45 -1.23 -12.63 -20.76
N GLU B 46 -0.41 -11.63 -21.09
CA GLU B 46 1.02 -11.81 -21.22
C GLU B 46 1.75 -10.55 -20.78
N TRP B 47 2.50 -10.65 -19.69
CA TRP B 47 3.21 -9.49 -19.16
C TRP B 47 4.38 -9.11 -20.07
N MET B 48 4.39 -7.87 -20.53
CA MET B 48 5.39 -7.41 -21.50
C MET B 48 6.54 -6.62 -20.88
N GLY B 49 6.26 -5.81 -19.85
CA GLY B 49 7.37 -5.14 -19.18
C GLY B 49 7.02 -4.18 -18.08
N TRP B 50 8.04 -3.64 -17.41
CA TRP B 50 7.86 -2.51 -16.49
C TRP B 50 8.89 -1.42 -16.78
N ILE B 51 8.53 -0.18 -16.44
CA ILE B 51 9.38 0.98 -16.69
C ILE B 51 9.22 2.02 -15.58
N ASN B 52 10.36 2.54 -15.14
CA ASN B 52 10.43 3.64 -14.18
C ASN B 52 10.41 4.97 -14.94
N PRO B 53 9.28 5.68 -14.89
CA PRO B 53 9.10 6.93 -15.64
C PRO B 53 10.08 8.03 -15.25
N SER B 54 10.49 8.06 -13.98
CA SER B 54 11.36 9.11 -13.49
C SER B 54 12.78 8.97 -14.01
N THR B 55 13.30 7.76 -14.02
CA THR B 55 14.67 7.53 -14.42
C THR B 55 14.79 6.95 -15.82
N GLY B 56 13.77 6.21 -16.25
CA GLY B 56 13.76 5.66 -17.59
C GLY B 56 14.25 4.22 -17.69
N ARG B 57 14.63 3.63 -16.57
CA ARG B 57 15.06 2.23 -16.57
C ARG B 57 13.87 1.33 -16.85
N THR B 58 14.05 0.42 -17.79
CA THR B 58 12.98 -0.50 -18.17
C THR B 58 13.51 -1.91 -18.07
N ASN B 59 12.63 -2.84 -17.72
CA ASN B 59 12.98 -4.25 -17.78
C ASN B 59 11.81 -5.04 -18.33
N SER B 60 12.13 -5.98 -19.20
CA SER B 60 11.13 -6.78 -19.87
C SER B 60 11.50 -8.24 -19.66
N PRO B 61 10.55 -9.17 -19.91
CA PRO B 61 10.91 -10.58 -19.74
C PRO B 61 11.84 -10.95 -20.86
N GLN B 62 12.04 -12.22 -21.13
CA GLN B 62 12.93 -12.56 -22.23
C GLN B 62 12.13 -12.42 -23.51
N LYS B 63 12.17 -13.40 -24.41
CA LYS B 63 11.47 -13.34 -25.73
C LYS B 63 11.07 -11.97 -26.34
N PHE B 64 11.06 -10.93 -25.51
CA PHE B 64 10.76 -9.56 -25.94
C PHE B 64 12.03 -8.73 -25.77
N GLN B 65 13.00 -9.28 -25.06
CA GLN B 65 14.21 -8.57 -24.62
C GLN B 65 14.98 -7.93 -25.78
N GLY B 66 14.73 -8.41 -27.00
CA GLY B 66 15.38 -7.86 -28.17
C GLY B 66 14.46 -7.00 -29.01
N ARG B 67 13.16 -7.24 -28.92
CA ARG B 67 12.18 -6.56 -29.78
C ARG B 67 11.49 -5.34 -29.15
N VAL B 68 11.41 -5.29 -27.82
CA VAL B 68 10.65 -4.23 -27.17
C VAL B 68 11.54 -3.09 -26.66
N THR B 69 11.15 -1.86 -27.00
CA THR B 69 11.83 -0.67 -26.52
C THR B 69 10.81 0.26 -25.87
N MET B 70 10.87 0.38 -24.54
CA MET B 70 9.94 1.21 -23.81
C MET B 70 10.60 2.52 -23.39
N THR B 71 9.98 3.64 -23.78
CA THR B 71 10.55 4.95 -23.49
C THR B 71 9.49 5.83 -22.86
N ARG B 72 9.85 7.06 -22.50
CA ARG B 72 8.87 7.98 -21.93
C ARG B 72 9.22 9.45 -22.18
N ASP B 73 8.20 10.29 -22.13
CA ASP B 73 8.35 11.74 -22.22
C ASP B 73 7.71 12.36 -20.99
N THR B 74 8.55 12.79 -20.06
CA THR B 74 8.07 13.32 -18.78
C THR B 74 7.49 14.72 -18.97
N SER B 75 7.97 15.42 -19.98
CA SER B 75 7.52 16.79 -20.25
C SER B 75 6.03 16.82 -20.56
N ILE B 76 5.55 15.74 -21.19
CA ILE B 76 4.14 15.62 -21.55
C ILE B 76 3.44 14.50 -20.76
N SER B 77 4.23 13.80 -19.95
CA SER B 77 3.77 12.67 -19.12
C SER B 77 3.13 11.58 -19.99
N THR B 78 3.95 10.96 -20.83
CA THR B 78 3.48 9.93 -21.75
C THR B 78 4.46 8.79 -21.91
N ALA B 79 3.97 7.56 -21.77
CA ALA B 79 4.79 6.37 -21.93
C ALA B 79 4.67 5.82 -23.34
N TYR B 80 5.76 5.24 -23.84
CA TYR B 80 5.80 4.72 -25.20
C TYR B 80 6.30 3.28 -25.22
N MET B 81 5.66 2.46 -26.04
CA MET B 81 6.07 1.07 -26.21
C MET B 81 6.34 0.81 -27.68
N ASP B 82 7.54 0.32 -27.99
CA ASP B 82 7.93 0.10 -29.38
C ASP B 82 8.22 -1.37 -29.64
N LEU B 83 7.50 -1.99 -30.57
CA LEU B 83 7.72 -3.40 -30.89
C LEU B 83 8.19 -3.56 -32.34
N ASN B 84 9.23 -4.36 -32.55
CA ASN B 84 9.81 -4.55 -33.89
C ASN B 84 9.68 -6.00 -34.37
N ARG B 85 9.94 -6.25 -35.65
CA ARG B 85 9.79 -7.58 -36.23
C ARG B 85 8.46 -8.23 -35.85
N LEU B 86 7.37 -7.67 -36.35
CA LEU B 86 6.04 -8.13 -35.96
C LEU B 86 5.63 -9.43 -36.66
N THR B 87 4.90 -10.28 -35.94
CA THR B 87 4.36 -11.49 -36.53
C THR B 87 2.89 -11.62 -36.16
N SER B 88 2.22 -12.63 -36.71
CA SER B 88 0.81 -12.85 -36.43
C SER B 88 0.59 -13.20 -34.96
N ASP B 89 1.66 -13.60 -34.29
CA ASP B 89 1.60 -13.94 -32.88
C ASP B 89 1.59 -12.67 -32.01
N ASP B 90 1.90 -11.54 -32.63
CA ASP B 90 1.94 -10.27 -31.92
C ASP B 90 0.61 -9.54 -31.99
N THR B 91 -0.33 -10.11 -32.74
CA THR B 91 -1.69 -9.59 -32.80
C THR B 91 -2.33 -9.70 -31.43
N ALA B 92 -2.52 -8.58 -30.74
CA ALA B 92 -3.08 -8.59 -29.40
C ALA B 92 -3.60 -7.22 -28.96
N MET B 93 -4.29 -7.19 -27.82
CA MET B 93 -4.75 -5.94 -27.21
C MET B 93 -3.69 -5.49 -26.23
N TYR B 94 -3.12 -4.32 -26.47
CA TYR B 94 -2.01 -3.85 -25.66
C TYR B 94 -2.47 -2.85 -24.61
N TYR B 95 -2.23 -3.19 -23.36
CA TYR B 95 -2.62 -2.36 -22.23
C TYR B 95 -1.41 -1.80 -21.50
N CYS B 96 -1.57 -0.59 -20.98
CA CYS B 96 -0.63 -0.01 -20.04
C CYS B 96 -1.33 0.17 -18.70
N THR B 97 -0.64 -0.17 -17.63
CA THR B 97 -1.22 -0.13 -16.29
C THR B 97 -0.33 0.61 -15.31
N THR B 98 -0.90 0.98 -14.17
CA THR B 98 -0.15 1.66 -13.13
C THR B 98 0.37 0.62 -12.14
N GLY B 99 1.65 0.70 -11.82
CA GLY B 99 2.27 -0.29 -10.95
C GLY B 99 2.34 0.16 -9.51
N GLY B 100 3.40 -0.26 -8.81
CA GLY B 100 3.58 0.13 -7.42
C GLY B 100 4.21 1.51 -7.30
N TRP B 101 4.31 2.01 -6.08
CA TRP B 101 4.90 3.33 -5.84
C TRP B 101 6.42 3.25 -5.91
N ILE B 102 7.01 4.14 -6.71
CA ILE B 102 8.46 4.16 -6.87
C ILE B 102 9.16 4.64 -5.60
N GLY B 103 9.90 3.75 -4.96
CA GLY B 103 10.51 4.04 -3.68
C GLY B 103 11.99 4.29 -3.84
N LEU B 104 12.59 4.92 -2.83
CA LEU B 104 14.00 5.29 -2.88
C LEU B 104 14.96 4.17 -2.49
N TYR B 105 14.75 3.62 -1.30
CA TYR B 105 15.64 2.61 -0.74
C TYR B 105 15.18 1.20 -1.09
N SER B 106 14.30 1.11 -2.07
CA SER B 106 13.78 -0.19 -2.48
C SER B 106 13.44 -0.21 -3.96
N ASP B 107 12.70 -1.24 -4.33
CA ASP B 107 12.24 -1.37 -5.70
C ASP B 107 10.93 -2.16 -5.66
N THR B 108 9.82 -1.45 -5.80
CA THR B 108 8.50 -2.06 -5.71
C THR B 108 8.01 -2.30 -7.14
N SER B 109 8.98 -2.45 -8.04
CA SER B 109 8.74 -2.67 -9.46
C SER B 109 8.00 -3.97 -9.75
N GLY B 110 8.42 -5.05 -9.10
CA GLY B 110 7.90 -6.37 -9.44
C GLY B 110 6.59 -6.69 -8.75
N TYR B 111 6.01 -5.70 -8.09
CA TYR B 111 4.70 -5.85 -7.46
C TYR B 111 3.61 -5.92 -8.53
N PRO B 112 2.89 -7.04 -8.58
CA PRO B 112 1.79 -7.20 -9.55
C PRO B 112 0.55 -6.39 -9.20
N ASN B 113 0.74 -5.11 -8.89
CA ASN B 113 -0.35 -4.25 -8.46
C ASN B 113 -0.82 -3.29 -9.54
N PHE B 114 -1.69 -3.77 -10.43
CA PHE B 114 -2.19 -2.95 -11.52
C PHE B 114 -3.59 -2.44 -11.17
N ASP B 115 -3.64 -1.34 -10.44
CA ASP B 115 -4.91 -0.77 -9.98
C ASP B 115 -5.62 0.00 -11.09
N TYR B 116 -4.85 0.65 -11.97
CA TYR B 116 -5.43 1.43 -13.06
C TYR B 116 -4.98 0.97 -14.43
N TRP B 117 -5.93 0.85 -15.35
CA TRP B 117 -5.66 0.34 -16.68
C TRP B 117 -6.05 1.33 -17.78
N GLY B 118 -5.43 1.19 -18.95
CA GLY B 118 -5.81 1.95 -20.12
C GLY B 118 -7.03 1.29 -20.76
N GLN B 119 -7.51 1.85 -21.85
CA GLN B 119 -8.67 1.28 -22.54
C GLN B 119 -8.25 0.16 -23.49
N GLY B 120 -6.97 0.14 -23.84
CA GLY B 120 -6.43 -0.90 -24.72
C GLY B 120 -6.16 -0.43 -26.13
N THR B 121 -5.14 -1.02 -26.74
CA THR B 121 -4.73 -0.69 -28.10
C THR B 121 -4.72 -1.94 -28.97
N LEU B 122 -5.68 -2.02 -29.90
CA LEU B 122 -5.81 -3.19 -30.78
C LEU B 122 -4.78 -3.16 -31.92
N VAL B 123 -3.96 -4.21 -31.99
CA VAL B 123 -2.94 -4.32 -33.03
C VAL B 123 -3.13 -5.62 -33.82
N THR B 124 -3.22 -5.52 -35.14
CA THR B 124 -3.46 -6.68 -35.99
C THR B 124 -2.37 -6.86 -37.04
N VAL B 125 -1.75 -8.04 -37.06
CA VAL B 125 -0.69 -8.33 -38.00
C VAL B 125 -1.11 -9.45 -38.96
N SER B 126 -1.01 -9.20 -40.27
CA SER B 126 -1.34 -10.21 -41.27
C SER B 126 -0.73 -9.86 -42.63
N SER B 143 3.37 -21.28 -21.03
CA SER B 143 2.19 -21.59 -20.22
C SER B 143 2.25 -20.89 -18.87
N ALA B 144 3.47 -20.72 -18.35
CA ALA B 144 3.73 -20.00 -17.10
C ALA B 144 3.05 -20.66 -15.91
N LEU B 145 2.19 -19.92 -15.22
CA LEU B 145 1.51 -20.44 -14.04
C LEU B 145 0.34 -21.33 -14.46
N THR B 146 0.14 -22.44 -13.73
CA THR B 146 -0.86 -23.43 -14.11
C THR B 146 -2.19 -23.24 -13.38
N GLN B 147 -3.22 -22.85 -14.14
CA GLN B 147 -4.59 -22.77 -13.64
C GLN B 147 -5.47 -23.82 -14.28
N PRO B 148 -6.49 -24.28 -13.57
CA PRO B 148 -7.45 -25.19 -14.22
C PRO B 148 -8.17 -24.49 -15.37
N ALA B 149 -8.60 -25.25 -16.37
CA ALA B 149 -9.21 -24.68 -17.56
C ALA B 149 -10.57 -24.06 -17.23
N SER B 150 -11.45 -24.84 -16.61
CA SER B 150 -12.79 -24.36 -16.29
C SER B 150 -13.25 -24.78 -14.90
N VAL B 151 -14.09 -23.96 -14.28
CA VAL B 151 -14.68 -24.25 -12.97
C VAL B 151 -16.17 -23.96 -12.98
N SER B 152 -16.96 -24.89 -12.45
CA SER B 152 -18.41 -24.77 -12.47
C SER B 152 -18.95 -24.60 -11.06
N GLY B 153 -20.00 -23.79 -10.93
CA GLY B 153 -20.62 -23.58 -9.63
C GLY B 153 -22.09 -23.19 -9.72
N SER B 154 -22.80 -23.35 -8.59
CA SER B 154 -24.19 -22.94 -8.47
C SER B 154 -24.31 -21.76 -7.52
N PRO B 155 -25.35 -20.92 -7.70
CA PRO B 155 -25.55 -19.75 -6.83
C PRO B 155 -25.60 -20.11 -5.34
N GLY B 156 -25.07 -19.22 -4.50
CA GLY B 156 -25.06 -19.45 -3.07
C GLY B 156 -23.84 -20.23 -2.59
N GLN B 157 -23.33 -21.12 -3.44
CA GLN B 157 -22.18 -21.96 -3.09
C GLN B 157 -20.88 -21.16 -2.94
N SER B 158 -19.81 -21.86 -2.56
CA SER B 158 -18.49 -21.26 -2.45
C SER B 158 -17.49 -22.09 -3.25
N ILE B 159 -16.73 -21.44 -4.13
CA ILE B 159 -15.79 -22.13 -5.01
C ILE B 159 -14.37 -21.60 -4.84
N THR B 160 -13.40 -22.39 -5.26
CA THR B 160 -12.00 -22.02 -5.13
C THR B 160 -11.25 -22.28 -6.43
N ILE B 161 -10.55 -21.26 -6.93
CA ILE B 161 -9.73 -21.38 -8.13
C ILE B 161 -8.27 -21.50 -7.70
N SER B 162 -7.58 -22.51 -8.23
CA SER B 162 -6.21 -22.78 -7.82
C SER B 162 -5.19 -22.17 -8.78
N CYS B 163 -4.01 -21.87 -8.25
CA CYS B 163 -2.94 -21.26 -9.03
C CYS B 163 -1.61 -21.80 -8.53
N THR B 164 -1.05 -22.75 -9.27
CA THR B 164 0.16 -23.43 -8.84
C THR B 164 1.40 -22.91 -9.56
N GLY B 165 2.42 -22.57 -8.78
CA GLY B 165 3.68 -22.11 -9.34
C GLY B 165 4.82 -22.98 -8.84
N THR B 166 5.98 -22.38 -8.63
CA THR B 166 7.15 -23.12 -8.16
C THR B 166 7.69 -22.54 -6.86
N ASN B 167 8.92 -22.90 -6.53
CA ASN B 167 9.55 -22.47 -5.29
C ASN B 167 10.13 -21.06 -5.39
N TYR B 168 10.46 -20.64 -6.61
CA TYR B 168 11.16 -19.38 -6.82
C TYR B 168 10.22 -18.16 -6.97
N ASP B 169 8.92 -18.41 -6.98
CA ASP B 169 7.94 -17.32 -7.11
C ASP B 169 6.92 -17.32 -5.96
N VAL B 170 5.78 -17.97 -6.17
CA VAL B 170 4.72 -17.99 -5.17
C VAL B 170 5.12 -18.75 -3.91
N GLY B 171 6.24 -19.45 -3.97
CA GLY B 171 6.74 -20.20 -2.83
C GLY B 171 7.49 -19.32 -1.85
N SER B 172 8.23 -18.36 -2.38
CA SER B 172 9.08 -17.52 -1.54
C SER B 172 8.63 -16.06 -1.58
N TYR B 173 7.46 -15.80 -2.15
CA TYR B 173 6.93 -14.44 -2.20
C TYR B 173 5.41 -14.38 -1.97
N ASN B 174 4.98 -13.42 -1.16
CA ASN B 174 3.56 -13.13 -0.99
C ASN B 174 3.09 -12.02 -1.93
N LEU B 175 3.40 -12.18 -3.21
CA LEU B 175 3.14 -11.12 -4.18
C LEU B 175 2.25 -11.65 -5.30
N VAL B 176 1.06 -12.10 -4.92
CA VAL B 176 0.11 -12.66 -5.88
C VAL B 176 -1.12 -11.77 -5.98
N SER B 177 -1.56 -11.53 -7.21
CA SER B 177 -2.73 -10.71 -7.45
C SER B 177 -3.73 -11.44 -8.34
N TRP B 178 -5.01 -11.26 -8.07
CA TRP B 178 -6.05 -11.90 -8.86
C TRP B 178 -6.86 -10.86 -9.60
N TYR B 179 -7.15 -11.14 -10.88
CA TYR B 179 -7.87 -10.23 -11.76
C TYR B 179 -9.09 -10.89 -12.41
N GLN B 180 -10.15 -10.11 -12.60
CA GLN B 180 -11.38 -10.57 -13.25
C GLN B 180 -11.51 -9.94 -14.61
N GLN B 181 -12.01 -10.70 -15.58
CA GLN B 181 -12.22 -10.14 -16.92
C GLN B 181 -13.51 -10.67 -17.52
N HIS B 182 -14.44 -9.76 -17.77
CA HIS B 182 -15.62 -10.06 -18.56
C HIS B 182 -15.28 -10.01 -20.05
N PRO B 183 -15.99 -10.80 -20.87
CA PRO B 183 -15.74 -10.80 -22.31
C PRO B 183 -15.91 -9.42 -22.93
N GLY B 184 -14.84 -8.88 -23.51
CA GLY B 184 -14.91 -7.58 -24.14
C GLY B 184 -14.61 -6.47 -23.16
N LYS B 185 -14.30 -6.85 -21.93
CA LYS B 185 -14.01 -5.87 -20.89
C LYS B 185 -12.54 -5.91 -20.45
N VAL B 186 -12.08 -4.82 -19.84
CA VAL B 186 -10.74 -4.73 -19.28
C VAL B 186 -10.66 -5.50 -17.97
N PRO B 187 -9.54 -6.20 -17.72
CA PRO B 187 -9.33 -6.89 -16.44
C PRO B 187 -9.59 -6.00 -15.23
N LYS B 188 -10.03 -6.60 -14.13
CA LYS B 188 -10.37 -5.84 -12.94
C LYS B 188 -9.60 -6.32 -11.73
N TYR B 189 -9.05 -5.37 -10.98
CA TYR B 189 -8.34 -5.66 -9.74
C TYR B 189 -9.27 -6.37 -8.75
N ILE B 190 -8.88 -7.56 -8.30
CA ILE B 190 -9.67 -8.25 -7.27
C ILE B 190 -8.86 -8.47 -6.01
N ILE B 191 -7.70 -9.12 -6.15
CA ILE B 191 -6.87 -9.43 -4.99
C ILE B 191 -5.45 -8.96 -5.25
N TYR B 192 -4.74 -8.53 -4.21
CA TYR B 192 -3.32 -8.21 -4.32
C TYR B 192 -2.60 -8.63 -3.07
N GLU B 193 -1.36 -9.08 -3.23
CA GLU B 193 -0.55 -9.56 -2.11
C GLU B 193 -1.27 -10.66 -1.33
N VAL B 194 -1.76 -11.65 -2.08
CA VAL B 194 -2.34 -12.89 -1.55
C VAL B 194 -3.70 -12.72 -0.86
N ASN B 195 -3.79 -11.84 0.13
CA ASN B 195 -4.99 -11.78 0.97
C ASN B 195 -5.76 -10.47 0.92
N LYS B 196 -5.10 -9.42 0.44
CA LYS B 196 -5.66 -8.07 0.53
C LYS B 196 -6.63 -7.73 -0.60
N ARG B 197 -7.69 -7.00 -0.26
CA ARG B 197 -8.67 -6.52 -1.21
C ARG B 197 -8.57 -5.00 -1.40
N PRO B 198 -8.57 -4.53 -2.65
CA PRO B 198 -8.70 -3.09 -2.88
C PRO B 198 -10.07 -2.58 -2.45
N SER B 199 -10.28 -1.27 -2.50
CA SER B 199 -11.56 -0.69 -2.10
C SER B 199 -12.67 -0.97 -3.11
N GLY B 200 -13.87 -1.24 -2.61
CA GLY B 200 -15.02 -1.46 -3.46
C GLY B 200 -15.16 -2.91 -3.89
N VAL B 201 -14.10 -3.69 -3.67
CA VAL B 201 -14.10 -5.10 -4.04
C VAL B 201 -14.97 -5.88 -3.07
N SER B 202 -15.88 -6.66 -3.62
CA SER B 202 -16.81 -7.45 -2.80
C SER B 202 -16.07 -8.34 -1.81
N ASN B 203 -16.59 -8.39 -0.58
CA ASN B 203 -15.99 -9.20 0.46
C ASN B 203 -16.13 -10.69 0.19
N ARG B 204 -16.82 -11.02 -0.90
CA ARG B 204 -17.04 -12.41 -1.31
C ARG B 204 -15.76 -13.04 -1.82
N PHE B 205 -14.80 -12.21 -2.21
CA PHE B 205 -13.52 -12.69 -2.71
C PHE B 205 -12.51 -12.75 -1.57
N SER B 206 -11.89 -13.91 -1.39
CA SER B 206 -10.89 -14.08 -0.33
C SER B 206 -9.69 -14.80 -0.90
N GLY B 207 -8.51 -14.50 -0.38
CA GLY B 207 -7.30 -15.11 -0.89
C GLY B 207 -6.68 -16.10 0.08
N SER B 208 -5.93 -17.06 -0.46
CA SER B 208 -5.25 -18.04 0.38
C SER B 208 -3.94 -18.48 -0.28
N LYS B 209 -3.07 -19.07 0.53
CA LYS B 209 -1.73 -19.47 0.07
C LYS B 209 -1.21 -20.67 0.84
N SER B 210 -0.67 -21.64 0.11
CA SER B 210 -0.03 -22.80 0.72
C SER B 210 1.04 -23.33 -0.22
N GLY B 211 2.27 -23.40 0.29
CA GLY B 211 3.38 -23.93 -0.49
C GLY B 211 3.60 -23.16 -1.77
N ASN B 212 3.48 -23.86 -2.89
CA ASN B 212 3.63 -23.26 -4.21
C ASN B 212 2.29 -23.11 -4.92
N THR B 213 1.23 -22.89 -4.14
CA THR B 213 -0.11 -22.75 -4.72
C THR B 213 -0.93 -21.71 -3.97
N ALA B 214 -1.37 -20.70 -4.70
CA ALA B 214 -2.30 -19.72 -4.14
C ALA B 214 -3.71 -20.07 -4.59
N SER B 215 -4.72 -19.56 -3.90
CA SER B 215 -6.08 -19.90 -4.25
C SER B 215 -7.06 -18.78 -3.99
N LEU B 216 -7.94 -18.53 -4.96
CA LEU B 216 -8.98 -17.52 -4.81
C LEU B 216 -10.33 -18.15 -4.49
N THR B 217 -10.95 -17.69 -3.40
CA THR B 217 -12.20 -18.26 -2.95
C THR B 217 -13.35 -17.26 -3.09
N ILE B 218 -14.38 -17.67 -3.83
CA ILE B 218 -15.57 -16.85 -4.01
C ILE B 218 -16.76 -17.49 -3.30
N SER B 219 -17.29 -16.81 -2.29
CA SER B 219 -18.44 -17.31 -1.54
C SER B 219 -19.70 -16.56 -1.97
N GLY B 220 -20.86 -17.18 -1.76
CA GLY B 220 -22.12 -16.60 -2.20
C GLY B 220 -22.09 -16.31 -3.69
N LEU B 221 -21.82 -17.34 -4.49
CA LEU B 221 -21.65 -17.21 -5.92
C LEU B 221 -22.86 -16.56 -6.60
N GLN B 222 -22.61 -15.77 -7.64
CA GLN B 222 -23.66 -15.05 -8.35
C GLN B 222 -23.46 -15.14 -9.86
N ALA B 223 -24.45 -14.68 -10.63
CA ALA B 223 -24.40 -14.74 -12.09
C ALA B 223 -23.45 -13.69 -12.67
N GLU B 224 -23.25 -12.61 -11.92
CA GLU B 224 -22.37 -11.54 -12.35
C GLU B 224 -20.91 -11.99 -12.31
N ASP B 225 -20.65 -13.07 -11.57
CA ASP B 225 -19.29 -13.54 -11.36
C ASP B 225 -18.82 -14.42 -12.52
N GLU B 226 -19.70 -14.66 -13.48
CA GLU B 226 -19.31 -15.44 -14.65
C GLU B 226 -18.35 -14.64 -15.52
N ALA B 227 -17.07 -15.01 -15.46
CA ALA B 227 -16.00 -14.33 -16.19
C ALA B 227 -14.73 -15.17 -16.18
N THR B 228 -13.66 -14.65 -16.75
CA THR B 228 -12.39 -15.37 -16.72
C THR B 228 -11.52 -14.77 -15.61
N TYR B 229 -10.85 -15.62 -14.85
CA TYR B 229 -10.08 -15.17 -13.71
C TYR B 229 -8.61 -15.51 -13.88
N TYR B 230 -7.75 -14.51 -13.74
CA TYR B 230 -6.33 -14.75 -13.95
C TYR B 230 -5.53 -14.48 -12.68
N CYS B 231 -4.43 -15.21 -12.49
CA CYS B 231 -3.59 -14.99 -11.32
C CYS B 231 -2.21 -14.55 -11.78
N CYS B 232 -1.71 -13.54 -11.11
CA CYS B 232 -0.47 -12.89 -11.45
C CYS B 232 0.48 -13.00 -10.26
N SER B 233 1.77 -13.22 -10.51
CA SER B 233 2.69 -13.29 -9.38
C SER B 233 4.08 -12.75 -9.70
N TYR B 234 4.86 -12.45 -8.65
CA TYR B 234 6.27 -12.08 -8.84
C TYR B 234 7.02 -13.26 -9.47
N ALA B 235 8.18 -13.02 -10.07
CA ALA B 235 8.79 -14.06 -10.87
C ALA B 235 10.31 -14.17 -10.76
N GLY B 236 10.90 -13.53 -9.77
CA GLY B 236 12.34 -13.60 -9.63
C GLY B 236 13.04 -12.31 -10.00
N SER B 237 13.94 -12.39 -10.98
CA SER B 237 14.76 -11.24 -11.35
C SER B 237 13.94 -10.11 -11.95
N SER B 238 13.22 -9.39 -11.08
CA SER B 238 12.42 -8.23 -11.46
C SER B 238 11.53 -8.49 -12.67
N ILE B 239 10.79 -9.60 -12.64
CA ILE B 239 9.90 -9.98 -13.73
C ILE B 239 8.58 -10.45 -13.11
N ILE B 240 7.50 -10.43 -13.89
CA ILE B 240 6.19 -10.86 -13.43
C ILE B 240 5.63 -11.99 -14.30
N PHE B 241 4.88 -12.90 -13.67
CA PHE B 241 4.26 -14.03 -14.33
C PHE B 241 2.76 -13.85 -14.37
N PHE B 242 2.11 -14.34 -15.43
CA PHE B 242 0.65 -14.38 -15.44
C PHE B 242 0.21 -15.83 -15.52
N GLY B 243 -1.04 -16.08 -15.17
CA GLY B 243 -1.57 -17.44 -15.22
C GLY B 243 -2.24 -17.74 -16.53
N GLY B 244 -2.69 -18.99 -16.69
CA GLY B 244 -3.33 -19.41 -17.91
C GLY B 244 -4.77 -18.96 -17.94
N GLY B 245 -5.36 -18.79 -16.76
CA GLY B 245 -6.73 -18.33 -16.64
C GLY B 245 -7.72 -19.41 -16.29
N THR B 246 -8.87 -19.01 -15.76
CA THR B 246 -9.90 -19.96 -15.38
C THR B 246 -11.29 -19.37 -15.65
N LYS B 247 -12.12 -20.15 -16.34
CA LYS B 247 -13.47 -19.75 -16.71
C LYS B 247 -14.48 -20.15 -15.65
N LEU B 248 -15.14 -19.18 -15.05
CA LEU B 248 -16.17 -19.50 -14.06
C LEU B 248 -17.53 -19.60 -14.76
N THR B 249 -18.23 -20.71 -14.55
CA THR B 249 -19.58 -20.88 -15.10
C THR B 249 -20.60 -21.07 -13.98
N VAL B 250 -21.70 -20.33 -14.04
CA VAL B 250 -22.74 -20.39 -13.01
C VAL B 250 -24.02 -21.10 -13.46
N HIS B 251 -24.34 -22.22 -12.83
CA HIS B 251 -25.53 -22.98 -13.19
C HIS B 251 -26.84 -22.31 -12.72
N GLN C 1 -31.46 -17.42 2.02
CA GLN C 1 -32.79 -17.08 2.52
C GLN C 1 -32.71 -16.10 3.69
N VAL C 2 -32.06 -14.96 3.45
CA VAL C 2 -31.94 -13.90 4.45
C VAL C 2 -33.28 -13.22 4.75
N GLN C 3 -33.58 -13.05 6.04
CA GLN C 3 -34.86 -12.50 6.45
C GLN C 3 -34.77 -11.72 7.76
N LEU C 4 -35.30 -10.51 7.76
CA LEU C 4 -35.33 -9.66 8.95
C LEU C 4 -36.77 -9.45 9.41
N VAL C 5 -37.07 -9.84 10.65
CA VAL C 5 -38.43 -9.77 11.17
C VAL C 5 -38.52 -8.76 12.32
N GLN C 6 -39.23 -7.67 12.10
CA GLN C 6 -39.32 -6.60 13.09
C GLN C 6 -40.50 -6.80 14.02
N SER C 7 -40.52 -6.04 15.13
CA SER C 7 -41.59 -6.12 16.10
C SER C 7 -42.90 -5.55 15.55
N GLY C 8 -43.97 -5.72 16.30
CA GLY C 8 -45.27 -5.28 15.85
C GLY C 8 -45.45 -3.79 15.93
N ALA C 9 -46.45 -3.27 15.23
CA ALA C 9 -46.77 -1.85 15.26
C ALA C 9 -47.17 -1.44 16.68
N GLU C 10 -46.83 -0.21 17.07
CA GLU C 10 -47.17 0.26 18.39
C GLU C 10 -47.73 1.69 18.34
N MET C 11 -48.42 2.07 19.41
CA MET C 11 -49.00 3.41 19.53
C MET C 11 -48.53 4.05 20.81
N LYS C 12 -47.95 5.23 20.70
CA LYS C 12 -47.39 5.88 21.87
C LYS C 12 -47.90 7.30 22.04
N LYS C 13 -47.92 7.75 23.29
CA LYS C 13 -48.33 9.12 23.62
C LYS C 13 -47.13 10.05 23.56
N PRO C 14 -47.38 11.34 23.33
CA PRO C 14 -46.28 12.31 23.26
C PRO C 14 -45.46 12.37 24.55
N GLY C 15 -44.14 12.24 24.43
CA GLY C 15 -43.28 12.31 25.59
C GLY C 15 -42.86 10.93 26.05
N ALA C 16 -43.49 9.91 25.51
CA ALA C 16 -43.21 8.52 25.90
C ALA C 16 -42.00 7.95 25.16
N SER C 17 -41.82 6.64 25.28
CA SER C 17 -40.71 5.95 24.64
C SER C 17 -41.20 4.76 23.82
N VAL C 18 -40.42 4.35 22.83
CA VAL C 18 -40.79 3.21 22.00
C VAL C 18 -39.56 2.34 21.72
N ARG C 19 -39.77 1.02 21.73
CA ARG C 19 -38.70 0.05 21.48
C ARG C 19 -39.07 -0.88 20.34
N VAL C 20 -38.24 -0.87 19.30
CA VAL C 20 -38.48 -1.72 18.14
C VAL C 20 -37.44 -2.84 18.04
N SER C 21 -37.91 -4.06 17.78
CA SER C 21 -37.03 -5.20 17.62
C SER C 21 -36.83 -5.55 16.16
N CYS C 22 -35.77 -6.29 15.88
CA CYS C 22 -35.44 -6.72 14.51
C CYS C 22 -34.60 -7.98 14.53
N LYS C 23 -35.23 -9.11 14.23
CA LYS C 23 -34.55 -10.40 14.32
C LYS C 23 -34.12 -10.88 12.95
N ALA C 24 -32.82 -10.88 12.72
CA ALA C 24 -32.27 -11.33 11.45
C ALA C 24 -31.94 -12.82 11.49
N SER C 25 -32.19 -13.49 10.38
CA SER C 25 -31.88 -14.91 10.25
C SER C 25 -31.50 -15.24 8.81
N GLY C 26 -30.69 -16.28 8.63
CA GLY C 26 -30.27 -16.67 7.31
C GLY C 26 -28.87 -16.22 6.97
N TYR C 27 -28.19 -15.59 7.94
CA TYR C 27 -26.81 -15.17 7.78
C TYR C 27 -26.14 -14.94 9.14
N THR C 28 -24.82 -14.76 9.13
CA THR C 28 -24.08 -14.52 10.37
C THR C 28 -24.26 -13.07 10.82
N PHE C 29 -25.04 -12.90 11.89
CA PHE C 29 -25.44 -11.59 12.42
C PHE C 29 -24.27 -10.64 12.71
N THR C 30 -23.15 -11.21 13.19
CA THR C 30 -22.03 -10.40 13.65
C THR C 30 -21.02 -10.05 12.55
N ASP C 31 -21.41 -10.24 11.30
CA ASP C 31 -20.52 -9.95 10.17
C ASP C 31 -21.01 -8.79 9.31
N TYR C 32 -22.25 -8.35 9.54
CA TYR C 32 -22.84 -7.29 8.73
C TYR C 32 -23.42 -6.17 9.58
N TYR C 33 -23.14 -4.93 9.19
CA TYR C 33 -23.68 -3.77 9.88
C TYR C 33 -25.20 -3.76 9.83
N ILE C 34 -25.84 -3.29 10.89
CA ILE C 34 -27.28 -3.14 10.86
C ILE C 34 -27.61 -1.64 10.88
N HIS C 35 -28.39 -1.20 9.91
CA HIS C 35 -28.77 0.20 9.82
C HIS C 35 -30.23 0.39 10.20
N TRP C 36 -30.54 1.55 10.76
CA TRP C 36 -31.90 1.90 11.10
C TRP C 36 -32.32 3.13 10.30
N VAL C 37 -33.46 3.02 9.63
CA VAL C 37 -33.97 4.07 8.75
C VAL C 37 -35.45 4.24 9.08
N ARG C 38 -36.06 5.37 8.73
CA ARG C 38 -37.49 5.57 8.95
C ARG C 38 -38.12 6.37 7.83
N GLN C 39 -39.43 6.23 7.67
CA GLN C 39 -40.14 6.94 6.60
C GLN C 39 -41.45 7.54 7.08
N ALA C 40 -41.51 8.87 7.10
CA ALA C 40 -42.74 9.57 7.49
C ALA C 40 -43.82 9.45 6.43
N PRO C 41 -45.09 9.32 6.86
CA PRO C 41 -46.23 9.22 5.94
C PRO C 41 -46.28 10.35 4.92
N GLY C 42 -46.20 10.00 3.63
CA GLY C 42 -46.24 10.97 2.55
C GLY C 42 -44.85 11.44 2.16
N GLN C 43 -43.96 11.51 3.14
CA GLN C 43 -42.59 11.93 2.94
C GLN C 43 -41.68 10.82 2.42
N GLY C 44 -40.38 11.05 2.52
CA GLY C 44 -39.43 10.07 2.02
C GLY C 44 -38.71 9.44 3.20
N PRO C 45 -37.53 8.87 2.96
CA PRO C 45 -36.76 8.15 3.98
C PRO C 45 -35.81 9.06 4.75
N GLU C 46 -35.42 8.64 5.95
CA GLU C 46 -34.53 9.45 6.76
C GLU C 46 -33.63 8.50 7.57
N TRP C 47 -32.32 8.57 7.32
CA TRP C 47 -31.38 7.66 7.96
C TRP C 47 -31.24 7.94 9.45
N MET C 48 -31.48 6.92 10.27
CA MET C 48 -31.49 7.10 11.73
C MET C 48 -30.21 6.67 12.42
N GLY C 49 -29.59 5.59 11.95
CA GLY C 49 -28.31 5.21 12.53
C GLY C 49 -27.68 3.94 12.00
N TRP C 50 -26.47 3.64 12.46
CA TRP C 50 -25.84 2.34 12.19
C TRP C 50 -25.26 1.72 13.46
N ILE C 51 -25.21 0.39 13.48
CA ILE C 51 -24.69 -0.35 14.63
C ILE C 51 -23.93 -1.59 14.18
N ASN C 52 -22.77 -1.78 14.79
CA ASN C 52 -21.91 -2.95 14.61
C ASN C 52 -22.30 -4.03 15.60
N PRO C 53 -22.94 -5.10 15.11
CA PRO C 53 -23.43 -6.17 15.98
C PRO C 53 -22.35 -6.86 16.79
N SER C 54 -21.14 -6.95 16.25
CA SER C 54 -20.07 -7.67 16.93
C SER C 54 -19.47 -6.93 18.12
N THR C 55 -19.27 -5.61 17.99
CA THR C 55 -18.63 -4.85 19.05
C THR C 55 -19.64 -4.04 19.87
N GLY C 56 -20.73 -3.65 19.23
CA GLY C 56 -21.79 -2.92 19.90
C GLY C 56 -21.65 -1.42 19.74
N ARG C 57 -20.61 -0.98 19.05
CA ARG C 57 -20.45 0.45 18.80
C ARG C 57 -21.52 0.91 17.82
N THR C 58 -22.19 2.00 18.15
CA THR C 58 -23.24 2.54 17.30
C THR C 58 -22.96 4.00 17.02
N ASN C 59 -23.34 4.47 15.84
CA ASN C 59 -23.29 5.90 15.59
C ASN C 59 -24.52 6.32 14.80
N SER C 60 -25.10 7.42 15.23
CA SER C 60 -26.31 7.96 14.64
C SER C 60 -25.95 9.40 14.35
N PRO C 61 -26.74 10.10 13.51
CA PRO C 61 -26.31 11.48 13.23
C PRO C 61 -26.54 12.36 14.46
N GLN C 62 -26.69 13.66 14.28
CA GLN C 62 -26.99 14.46 15.45
C GLN C 62 -28.49 14.32 15.60
N LYS C 63 -29.20 15.38 15.99
CA LYS C 63 -30.68 15.35 16.19
C LYS C 63 -31.32 14.06 16.77
N PHE C 64 -30.62 12.93 16.68
CA PHE C 64 -31.07 11.67 17.28
C PHE C 64 -30.08 11.20 18.34
N GLN C 65 -28.89 11.77 18.32
CA GLN C 65 -27.76 11.29 19.12
C GLN C 65 -28.06 11.23 20.62
N GLY C 66 -29.07 11.96 21.05
CA GLY C 66 -29.45 11.99 22.44
C GLY C 66 -30.71 11.20 22.70
N ARG C 67 -31.56 11.04 21.68
CA ARG C 67 -32.84 10.39 21.86
C ARG C 67 -32.81 8.90 21.48
N VAL C 68 -31.89 8.53 20.58
CA VAL C 68 -31.85 7.16 20.07
C VAL C 68 -30.78 6.31 20.75
N THR C 69 -31.17 5.11 21.19
CA THR C 69 -30.25 4.14 21.74
C THR C 69 -30.39 2.83 20.97
N MET C 70 -29.39 2.52 20.16
CA MET C 70 -29.40 1.31 19.35
C MET C 70 -28.55 0.25 20.02
N THR C 71 -29.14 -0.91 20.26
CA THR C 71 -28.46 -1.98 20.97
C THR C 71 -28.60 -3.30 20.23
N ARG C 72 -27.99 -4.36 20.74
CA ARG C 72 -28.13 -5.66 20.11
C ARG C 72 -27.97 -6.83 21.08
N ASP C 73 -28.54 -7.98 20.71
CA ASP C 73 -28.38 -9.22 21.44
C ASP C 73 -27.86 -10.26 20.45
N THR C 74 -26.57 -10.55 20.54
CA THR C 74 -25.93 -11.47 19.59
C THR C 74 -26.32 -12.91 19.87
N SER C 75 -26.63 -13.19 21.13
CA SER C 75 -26.97 -14.54 21.56
C SER C 75 -28.21 -15.06 20.86
N ILE C 76 -29.15 -14.16 20.57
CA ILE C 76 -30.39 -14.53 19.88
C ILE C 76 -30.45 -13.91 18.49
N SER C 77 -29.41 -13.14 18.14
CA SER C 77 -29.28 -12.44 16.86
C SER C 77 -30.45 -11.50 16.60
N THR C 78 -30.54 -10.46 17.42
CA THR C 78 -31.61 -9.47 17.29
C THR C 78 -31.12 -8.05 17.58
N ALA C 79 -31.43 -7.12 16.68
CA ALA C 79 -31.08 -5.72 16.85
C ALA C 79 -32.23 -4.94 17.46
N TYR C 80 -31.90 -3.94 18.26
CA TYR C 80 -32.92 -3.16 18.96
C TYR C 80 -32.72 -1.65 18.74
N MET C 81 -33.82 -0.94 18.54
CA MET C 81 -33.76 0.51 18.39
C MET C 81 -34.69 1.14 19.42
N ASP C 82 -34.17 2.03 20.24
CA ASP C 82 -34.95 2.68 21.29
C ASP C 82 -35.04 4.18 21.08
N LEU C 83 -36.26 4.70 20.93
CA LEU C 83 -36.43 6.14 20.76
C LEU C 83 -37.18 6.73 21.95
N ASN C 84 -36.66 7.83 22.49
CA ASN C 84 -37.27 8.48 23.63
C ASN C 84 -37.79 9.87 23.29
N ARG C 85 -38.59 10.44 24.18
CA ARG C 85 -39.21 11.74 23.95
C ARG C 85 -39.88 11.81 22.57
N LEU C 86 -40.96 11.06 22.41
CA LEU C 86 -41.66 10.98 21.12
C LEU C 86 -42.54 12.18 20.87
N THR C 87 -42.63 12.60 19.61
CA THR C 87 -43.54 13.67 19.20
C THR C 87 -44.28 13.22 17.96
N SER C 88 -45.21 14.04 17.49
CA SER C 88 -45.95 13.71 16.27
C SER C 88 -45.05 13.68 15.05
N ASP C 89 -43.86 14.27 15.18
CA ASP C 89 -42.87 14.29 14.11
C ASP C 89 -42.13 12.96 14.03
N ASP C 90 -42.29 12.13 15.05
CA ASP C 90 -41.66 10.81 15.07
C ASP C 90 -42.60 9.75 14.52
N THR C 91 -43.82 10.15 14.16
CA THR C 91 -44.75 9.23 13.50
C THR C 91 -44.19 8.82 12.14
N ALA C 92 -43.73 7.58 12.03
CA ALA C 92 -43.12 7.07 10.80
C ALA C 92 -43.04 5.54 10.79
N MET C 93 -42.65 4.99 9.64
CA MET C 93 -42.42 3.56 9.51
C MET C 93 -40.96 3.24 9.73
N TYR C 94 -40.67 2.40 10.72
CA TYR C 94 -39.29 2.16 11.09
C TYR C 94 -38.76 0.86 10.49
N TYR C 95 -37.70 1.00 9.70
CA TYR C 95 -37.06 -0.13 9.04
C TYR C 95 -35.68 -0.39 9.60
N CYS C 96 -35.31 -1.66 9.62
CA CYS C 96 -33.93 -2.07 9.87
C CYS C 96 -33.40 -2.76 8.62
N THR C 97 -32.15 -2.47 8.25
CA THR C 97 -31.57 -3.03 7.05
C THR C 97 -30.19 -3.61 7.32
N THR C 98 -29.71 -4.40 6.38
CA THR C 98 -28.38 -4.98 6.46
C THR C 98 -27.41 -4.08 5.71
N GLY C 99 -26.27 -3.77 6.32
CA GLY C 99 -25.31 -2.87 5.71
C GLY C 99 -24.16 -3.57 4.99
N GLY C 100 -22.99 -2.95 5.01
CA GLY C 100 -21.80 -3.51 4.40
C GLY C 100 -21.11 -4.53 5.28
N TRP C 101 -20.09 -5.19 4.75
CA TRP C 101 -19.36 -6.21 5.50
C TRP C 101 -18.38 -5.59 6.50
N ILE C 102 -18.44 -6.08 7.74
CA ILE C 102 -17.57 -5.61 8.80
C ILE C 102 -16.13 -6.08 8.55
N GLY C 103 -15.25 -5.14 8.21
CA GLY C 103 -13.89 -5.48 7.81
C GLY C 103 -12.82 -5.08 8.81
N LEU C 104 -11.65 -5.69 8.69
CA LEU C 104 -10.50 -5.38 9.54
C LEU C 104 -9.69 -4.21 8.98
N TYR C 105 -9.34 -4.28 7.68
CA TYR C 105 -8.52 -3.24 7.05
C TYR C 105 -9.34 -2.09 6.46
N SER C 106 -10.60 -1.99 6.83
CA SER C 106 -11.44 -0.91 6.31
C SER C 106 -12.55 -0.51 7.28
N ASP C 107 -13.50 0.26 6.77
CA ASP C 107 -14.66 0.66 7.54
C ASP C 107 -15.82 0.79 6.58
N THR C 108 -16.65 -0.24 6.53
CA THR C 108 -17.75 -0.28 5.59
C THR C 108 -19.03 0.10 6.30
N SER C 109 -18.88 0.82 7.42
CA SER C 109 -20.00 1.26 8.22
C SER C 109 -20.89 2.25 7.48
N GLY C 110 -20.27 3.25 6.87
CA GLY C 110 -21.01 4.33 6.25
C GLY C 110 -21.44 4.00 4.83
N TYR C 111 -21.21 2.76 4.43
CA TYR C 111 -21.66 2.31 3.11
C TYR C 111 -23.18 2.17 3.10
N PRO C 112 -23.86 2.97 2.26
CA PRO C 112 -25.32 2.90 2.12
C PRO C 112 -25.75 1.68 1.33
N ASN C 113 -25.24 0.50 1.69
CA ASN C 113 -25.53 -0.72 0.97
C ASN C 113 -26.55 -1.58 1.70
N PHE C 114 -27.83 -1.26 1.51
CA PHE C 114 -28.90 -1.97 2.20
C PHE C 114 -29.58 -3.00 1.29
N ASP C 115 -29.00 -4.20 1.22
CA ASP C 115 -29.55 -5.22 0.32
C ASP C 115 -30.80 -5.86 0.90
N TYR C 116 -30.84 -6.00 2.21
CA TYR C 116 -31.97 -6.67 2.86
C TYR C 116 -32.68 -5.76 3.85
N TRP C 117 -34.01 -5.75 3.77
CA TRP C 117 -34.83 -4.87 4.61
C TRP C 117 -35.82 -5.65 5.46
N GLY C 118 -36.26 -5.05 6.57
CA GLY C 118 -37.31 -5.60 7.40
C GLY C 118 -38.67 -5.28 6.82
N GLN C 119 -39.75 -5.72 7.47
CA GLN C 119 -41.08 -5.46 6.95
C GLN C 119 -41.60 -4.08 7.35
N GLY C 120 -40.98 -3.51 8.38
CA GLY C 120 -41.34 -2.18 8.84
C GLY C 120 -42.18 -2.21 10.10
N THR C 121 -41.99 -1.23 10.97
CA THR C 121 -42.75 -1.11 12.20
C THR C 121 -43.46 0.23 12.24
N LEU C 122 -44.78 0.22 12.08
CA LEU C 122 -45.57 1.45 12.02
C LEU C 122 -45.80 2.02 13.43
N VAL C 123 -45.35 3.25 13.64
CA VAL C 123 -45.51 3.94 14.92
C VAL C 123 -46.24 5.26 14.75
N THR C 124 -47.29 5.47 15.53
CA THR C 124 -48.07 6.70 15.44
C THR C 124 -48.13 7.41 16.79
N VAL C 125 -47.74 8.67 16.81
CA VAL C 125 -47.75 9.46 18.04
C VAL C 125 -48.76 10.60 17.93
N SER C 126 -49.70 10.64 18.88
CA SER C 126 -50.72 11.69 18.91
C SER C 126 -51.37 11.73 20.28
N SER C 143 -34.05 18.81 4.00
CA SER C 143 -34.19 18.48 2.59
C SER C 143 -33.03 17.61 2.09
N ALA C 144 -31.85 17.82 2.66
CA ALA C 144 -30.66 17.02 2.39
C ALA C 144 -30.22 17.08 0.92
N LEU C 145 -30.15 15.91 0.29
CA LEU C 145 -29.73 15.81 -1.11
C LEU C 145 -30.87 16.20 -2.02
N THR C 146 -30.57 16.92 -3.09
CA THR C 146 -31.61 17.46 -3.95
C THR C 146 -31.94 16.59 -5.17
N GLN C 147 -33.14 16.03 -5.18
CA GLN C 147 -33.67 15.31 -6.34
C GLN C 147 -34.81 16.09 -6.98
N PRO C 148 -35.00 15.92 -8.30
CA PRO C 148 -36.15 16.54 -8.97
C PRO C 148 -37.47 16.01 -8.41
N ALA C 149 -38.51 16.82 -8.47
CA ALA C 149 -39.79 16.45 -7.87
C ALA C 149 -40.41 15.27 -8.61
N SER C 150 -40.59 15.42 -9.91
CA SER C 150 -41.21 14.37 -10.71
C SER C 150 -40.52 14.23 -12.06
N VAL C 151 -40.52 13.02 -12.60
CA VAL C 151 -39.98 12.77 -13.94
C VAL C 151 -40.97 11.90 -14.70
N SER C 152 -41.31 12.33 -15.91
CA SER C 152 -42.28 11.63 -16.74
C SER C 152 -41.59 11.13 -18.00
N GLY C 153 -42.01 9.97 -18.47
CA GLY C 153 -41.44 9.37 -19.66
C GLY C 153 -42.44 8.50 -20.37
N SER C 154 -42.14 8.16 -21.62
CA SER C 154 -43.00 7.28 -22.41
C SER C 154 -42.33 5.91 -22.47
N PRO C 155 -43.14 4.84 -22.61
CA PRO C 155 -42.60 3.48 -22.61
C PRO C 155 -41.47 3.25 -23.62
N GLY C 156 -40.50 2.42 -23.24
CA GLY C 156 -39.38 2.12 -24.12
C GLY C 156 -38.23 3.11 -24.03
N GLN C 157 -38.53 4.36 -23.71
CA GLN C 157 -37.55 5.43 -23.66
C GLN C 157 -36.49 5.20 -22.58
N SER C 158 -35.53 6.11 -22.50
CA SER C 158 -34.53 6.06 -21.47
C SER C 158 -34.54 7.39 -20.72
N ILE C 159 -34.69 7.33 -19.39
CA ILE C 159 -34.80 8.55 -18.60
C ILE C 159 -33.75 8.59 -17.50
N THR C 160 -33.48 9.79 -16.98
CA THR C 160 -32.43 9.97 -15.97
C THR C 160 -32.88 10.81 -14.78
N ILE C 161 -32.69 10.26 -13.58
CA ILE C 161 -32.98 10.96 -12.35
C ILE C 161 -31.67 11.45 -11.73
N SER C 162 -31.61 12.74 -11.43
CA SER C 162 -30.39 13.33 -10.90
C SER C 162 -30.42 13.43 -9.37
N CYS C 163 -29.23 13.44 -8.78
CA CYS C 163 -29.08 13.54 -7.33
C CYS C 163 -27.84 14.37 -7.05
N THR C 164 -28.07 15.63 -6.72
CA THR C 164 -26.98 16.57 -6.54
C THR C 164 -26.67 16.79 -5.08
N GLY C 165 -25.39 16.69 -4.73
CA GLY C 165 -24.95 16.91 -3.36
C GLY C 165 -23.92 18.01 -3.25
N THR C 166 -22.94 17.81 -2.38
CA THR C 166 -21.88 18.78 -2.17
C THR C 166 -20.50 18.17 -2.43
N ASN C 167 -19.45 18.85 -1.96
CA ASN C 167 -18.08 18.41 -2.19
C ASN C 167 -17.64 17.32 -1.23
N TYR C 168 -18.28 17.29 -0.06
CA TYR C 168 -17.88 16.39 1.03
C TYR C 168 -18.59 15.05 0.97
N ASP C 169 -19.52 14.90 0.03
CA ASP C 169 -20.29 13.67 -0.10
C ASP C 169 -20.18 13.04 -1.50
N VAL C 170 -21.14 13.32 -2.36
CA VAL C 170 -21.13 12.72 -3.70
C VAL C 170 -19.99 13.26 -4.55
N GLY C 171 -19.33 14.31 -4.07
CA GLY C 171 -18.22 14.90 -4.79
C GLY C 171 -16.91 14.17 -4.58
N SER C 172 -16.70 13.69 -3.36
CA SER C 172 -15.43 13.05 -3.01
C SER C 172 -15.56 11.57 -2.66
N TYR C 173 -16.74 10.99 -2.92
CA TYR C 173 -16.93 9.57 -2.66
C TYR C 173 -17.78 8.90 -3.74
N ASN C 174 -17.39 7.69 -4.14
CA ASN C 174 -18.22 6.87 -5.01
C ASN C 174 -19.10 5.96 -4.17
N LEU C 175 -19.81 6.55 -3.22
CA LEU C 175 -20.63 5.79 -2.29
C LEU C 175 -22.07 6.24 -2.38
N VAL C 176 -22.63 6.13 -3.59
CA VAL C 176 -24.01 6.50 -3.83
C VAL C 176 -24.81 5.25 -4.19
N SER C 177 -25.98 5.12 -3.59
CA SER C 177 -26.84 3.96 -3.83
C SER C 177 -28.23 4.42 -4.25
N TRP C 178 -28.87 3.67 -5.14
CA TRP C 178 -30.23 4.03 -5.56
C TRP C 178 -31.24 2.95 -5.16
N TYR C 179 -32.39 3.41 -4.66
CA TYR C 179 -33.46 2.55 -4.16
C TYR C 179 -34.82 2.86 -4.81
N GLN C 180 -35.60 1.81 -5.03
CA GLN C 180 -36.93 1.90 -5.63
C GLN C 180 -38.03 1.61 -4.61
N GLN C 181 -39.14 2.32 -4.71
CA GLN C 181 -40.26 2.07 -3.81
C GLN C 181 -41.60 2.20 -4.53
N HIS C 182 -42.32 1.09 -4.59
CA HIS C 182 -43.71 1.09 -5.02
C HIS C 182 -44.55 1.54 -3.82
N PRO C 183 -45.69 2.20 -4.08
CA PRO C 183 -46.56 2.68 -2.99
C PRO C 183 -47.01 1.55 -2.08
N GLY C 184 -46.64 1.61 -0.80
CA GLY C 184 -47.06 0.59 0.14
C GLY C 184 -46.10 -0.58 0.22
N LYS C 185 -45.01 -0.49 -0.52
CA LYS C 185 -44.05 -1.59 -0.55
C LYS C 185 -42.72 -1.17 0.10
N VAL C 186 -41.92 -2.15 0.50
CA VAL C 186 -40.61 -1.91 1.09
C VAL C 186 -39.64 -1.49 -0.02
N PRO C 187 -38.74 -0.53 0.28
CA PRO C 187 -37.72 -0.12 -0.69
C PRO C 187 -36.94 -1.29 -1.29
N LYS C 188 -36.48 -1.15 -2.53
CA LYS C 188 -35.79 -2.22 -3.23
C LYS C 188 -34.41 -1.76 -3.71
N TYR C 189 -33.40 -2.60 -3.51
CA TYR C 189 -32.04 -2.36 -4.00
C TYR C 189 -31.97 -2.21 -5.53
N ILE C 190 -31.44 -1.08 -6.01
CA ILE C 190 -31.22 -0.92 -7.45
C ILE C 190 -29.74 -0.72 -7.77
N ILE C 191 -29.14 0.30 -7.15
CA ILE C 191 -27.74 0.64 -7.43
C ILE C 191 -26.94 0.80 -6.13
N TYR C 192 -25.65 0.45 -6.17
CA TYR C 192 -24.75 0.69 -5.05
C TYR C 192 -23.38 1.09 -5.58
N GLU C 193 -22.70 2.00 -4.87
CA GLU C 193 -21.39 2.50 -5.29
C GLU C 193 -21.44 3.06 -6.72
N VAL C 194 -22.42 3.95 -6.93
CA VAL C 194 -22.61 4.74 -8.16
C VAL C 194 -23.08 3.96 -9.39
N ASN C 195 -22.36 2.91 -9.80
CA ASN C 195 -22.69 2.25 -11.06
C ASN C 195 -23.05 0.77 -10.94
N LYS C 196 -22.74 0.15 -9.80
CA LYS C 196 -22.86 -1.30 -9.66
C LYS C 196 -24.28 -1.79 -9.37
N ARG C 197 -24.62 -2.95 -9.94
CA ARG C 197 -25.93 -3.58 -9.74
C ARG C 197 -25.84 -4.83 -8.86
N PRO C 198 -26.74 -4.94 -7.87
CA PRO C 198 -26.93 -6.15 -7.07
C PRO C 198 -27.50 -7.30 -7.91
N SER C 199 -27.67 -8.46 -7.30
CA SER C 199 -28.22 -9.62 -8.01
C SER C 199 -29.72 -9.48 -8.27
N GLY C 200 -30.14 -9.94 -9.46
CA GLY C 200 -31.54 -9.94 -9.83
C GLY C 200 -32.03 -8.65 -10.46
N VAL C 201 -31.23 -7.59 -10.36
CA VAL C 201 -31.57 -6.30 -10.93
C VAL C 201 -31.37 -6.29 -12.45
N SER C 202 -32.41 -5.92 -13.18
CA SER C 202 -32.38 -5.84 -14.63
C SER C 202 -31.26 -4.91 -15.10
N ASN C 203 -30.58 -5.29 -16.17
CA ASN C 203 -29.49 -4.50 -16.71
C ASN C 203 -29.95 -3.16 -17.29
N ARG C 204 -31.26 -2.93 -17.23
CA ARG C 204 -31.86 -1.69 -17.73
C ARG C 204 -31.44 -0.51 -16.88
N PHE C 205 -31.00 -0.79 -15.66
CA PHE C 205 -30.59 0.26 -14.73
C PHE C 205 -29.08 0.51 -14.80
N SER C 206 -28.70 1.76 -15.00
CA SER C 206 -27.28 2.11 -15.07
C SER C 206 -26.98 3.35 -14.24
N GLY C 207 -25.78 3.42 -13.68
CA GLY C 207 -25.41 4.56 -12.86
C GLY C 207 -24.36 5.44 -13.49
N SER C 208 -24.36 6.72 -13.12
CA SER C 208 -23.35 7.64 -13.64
C SER C 208 -23.02 8.71 -12.58
N LYS C 209 -21.90 9.40 -12.76
CA LYS C 209 -21.44 10.38 -11.79
C LYS C 209 -20.61 11.49 -12.44
N SER C 210 -20.91 12.73 -12.07
CA SER C 210 -20.11 13.86 -12.53
C SER C 210 -20.16 15.00 -11.51
N GLY C 211 -18.98 15.43 -11.07
CA GLY C 211 -18.85 16.52 -10.12
C GLY C 211 -19.57 16.23 -8.81
N ASN C 212 -20.55 17.08 -8.49
CA ASN C 212 -21.35 16.91 -7.28
C ASN C 212 -22.74 16.42 -7.63
N THR C 213 -22.85 15.64 -8.70
CA THR C 213 -24.15 15.12 -9.13
C THR C 213 -24.04 13.69 -9.64
N ALA C 214 -24.76 12.78 -9.00
CA ALA C 214 -24.87 11.41 -9.47
C ALA C 214 -26.17 11.27 -10.24
N SER C 215 -26.30 10.22 -11.04
CA SER C 215 -27.50 10.07 -11.84
C SER C 215 -27.85 8.60 -12.06
N LEU C 216 -29.12 8.29 -11.86
CA LEU C 216 -29.65 6.96 -12.11
C LEU C 216 -30.41 6.95 -13.44
N THR C 217 -30.03 6.06 -14.34
CA THR C 217 -30.62 6.01 -15.67
C THR C 217 -31.40 4.71 -15.88
N ILE C 218 -32.66 4.83 -16.25
CA ILE C 218 -33.48 3.66 -16.57
C ILE C 218 -33.79 3.62 -18.06
N SER C 219 -33.28 2.57 -18.72
CA SER C 219 -33.48 2.38 -20.15
C SER C 219 -34.56 1.33 -20.40
N GLY C 220 -35.17 1.38 -21.59
CA GLY C 220 -36.27 0.49 -21.90
C GLY C 220 -37.37 0.66 -20.87
N LEU C 221 -37.84 1.90 -20.72
CA LEU C 221 -38.83 2.24 -19.69
C LEU C 221 -40.09 1.36 -19.81
N GLN C 222 -40.66 1.02 -18.65
CA GLN C 222 -41.81 0.13 -18.59
C GLN C 222 -42.84 0.63 -17.58
N ALA C 223 -44.00 -0.01 -17.56
CA ALA C 223 -45.06 0.36 -16.64
C ALA C 223 -44.72 -0.10 -15.23
N GLU C 224 -43.91 -1.16 -15.16
CA GLU C 224 -43.48 -1.72 -13.88
C GLU C 224 -42.50 -0.80 -13.16
N ASP C 225 -41.89 0.13 -13.90
CA ASP C 225 -40.88 1.01 -13.36
C ASP C 225 -41.50 2.23 -12.69
N GLU C 226 -42.83 2.33 -12.76
CA GLU C 226 -43.54 3.43 -12.13
C GLU C 226 -43.47 3.32 -10.62
N ALA C 227 -42.63 4.15 -10.00
CA ALA C 227 -42.45 4.15 -8.55
C ALA C 227 -41.67 5.40 -8.11
N THR C 228 -41.36 5.50 -6.83
CA THR C 228 -40.59 6.63 -6.34
C THR C 228 -39.15 6.18 -6.16
N TYR C 229 -38.20 7.03 -6.53
CA TYR C 229 -36.79 6.65 -6.51
C TYR C 229 -35.94 7.53 -5.59
N TYR C 230 -35.19 6.90 -4.69
CA TYR C 230 -34.40 7.65 -3.73
C TYR C 230 -32.90 7.36 -3.86
N CYS C 231 -32.07 8.34 -3.53
CA CYS C 231 -30.62 8.18 -3.59
C CYS C 231 -29.99 8.37 -2.20
N CYS C 232 -29.02 7.53 -1.91
CA CYS C 232 -28.32 7.53 -0.64
C CYS C 232 -26.86 7.85 -0.84
N SER C 233 -26.29 8.63 0.06
CA SER C 233 -24.86 8.89 -0.08
C SER C 233 -24.16 8.98 1.26
N TYR C 234 -22.85 8.79 1.26
CA TYR C 234 -22.04 9.01 2.45
C TYR C 234 -22.14 10.50 2.81
N ALA C 235 -21.82 10.86 4.05
CA ALA C 235 -22.12 12.23 4.49
C ALA C 235 -21.06 12.86 5.38
N GLY C 236 -19.88 12.27 5.45
CA GLY C 236 -18.84 12.82 6.30
C GLY C 236 -18.51 11.98 7.51
N SER C 237 -18.64 12.55 8.69
CA SER C 237 -18.21 11.86 9.91
C SER C 237 -19.06 10.62 10.18
N SER C 238 -18.80 9.57 9.39
CA SER C 238 -19.47 8.28 9.52
C SER C 238 -21.00 8.40 9.59
N ILE C 239 -21.56 9.14 8.64
CA ILE C 239 -23.01 9.37 8.58
C ILE C 239 -23.52 9.22 7.15
N ILE C 240 -24.81 8.92 6.98
CA ILE C 240 -25.41 8.72 5.66
C ILE C 240 -26.59 9.67 5.40
N PHE C 241 -26.74 10.07 4.15
CA PHE C 241 -27.79 10.94 3.67
C PHE C 241 -28.76 10.20 2.78
N PHE C 242 -30.01 10.65 2.80
CA PHE C 242 -31.04 10.20 1.87
C PHE C 242 -31.45 11.38 1.00
N GLY C 243 -32.03 11.10 -0.17
CA GLY C 243 -32.47 12.15 -1.07
C GLY C 243 -33.93 12.48 -0.84
N GLY C 244 -34.44 13.47 -1.57
CA GLY C 244 -35.83 13.85 -1.41
C GLY C 244 -36.76 12.93 -2.19
N GLY C 245 -36.25 12.35 -3.26
CA GLY C 245 -37.03 11.43 -4.06
C GLY C 245 -37.55 11.98 -5.37
N THR C 246 -37.86 11.07 -6.30
CA THR C 246 -38.39 11.45 -7.59
C THR C 246 -39.42 10.42 -8.06
N LYS C 247 -40.58 10.90 -8.46
CA LYS C 247 -41.67 10.03 -8.92
C LYS C 247 -41.69 9.86 -10.43
N LEU C 248 -41.55 8.62 -10.90
CA LEU C 248 -41.61 8.35 -12.33
C LEU C 248 -43.02 8.06 -12.79
N THR C 249 -43.43 8.73 -13.86
CA THR C 249 -44.73 8.50 -14.46
C THR C 249 -44.56 8.01 -15.90
N VAL C 250 -45.26 6.94 -16.27
CA VAL C 250 -45.15 6.37 -17.60
C VAL C 250 -46.37 6.65 -18.48
N HIS C 251 -46.18 7.44 -19.53
CA HIS C 251 -47.28 7.80 -20.42
C HIS C 251 -47.65 6.64 -21.34
N GLN D 1 11.68 12.28 -4.89
CA GLN D 1 12.13 13.30 -3.96
C GLN D 1 10.97 14.03 -3.29
N VAL D 2 10.13 13.28 -2.58
CA VAL D 2 9.05 13.88 -1.81
C VAL D 2 9.61 14.72 -0.67
N GLN D 3 9.15 15.96 -0.54
CA GLN D 3 9.70 16.88 0.45
C GLN D 3 8.67 17.87 0.93
N LEU D 4 8.58 18.01 2.25
CA LEU D 4 7.66 18.94 2.88
C LEU D 4 8.44 20.06 3.57
N VAL D 5 8.21 21.30 3.15
CA VAL D 5 8.94 22.44 3.72
C VAL D 5 8.01 23.39 4.46
N GLN D 6 8.16 23.44 5.79
CA GLN D 6 7.28 24.24 6.63
C GLN D 6 7.84 25.64 6.87
N SER D 7 7.00 26.52 7.39
CA SER D 7 7.41 27.89 7.67
C SER D 7 8.40 27.92 8.84
N GLY D 8 8.96 29.10 9.10
CA GLY D 8 9.96 29.25 10.14
C GLY D 8 9.39 29.25 11.54
N ALA D 9 10.26 29.03 12.52
CA ALA D 9 9.87 29.04 13.93
C ALA D 9 9.36 30.42 14.36
N GLU D 10 8.41 30.42 15.29
CA GLU D 10 7.84 31.67 15.81
C GLU D 10 7.66 31.65 17.32
N MET D 11 7.48 32.84 17.88
CA MET D 11 7.17 33.01 19.29
C MET D 11 5.95 33.92 19.45
N LYS D 12 4.96 33.45 20.19
CA LYS D 12 3.69 34.15 20.34
C LYS D 12 3.36 34.34 21.82
N LYS D 13 2.56 35.35 22.13
CA LYS D 13 2.12 35.59 23.50
C LYS D 13 0.86 34.78 23.78
N PRO D 14 0.62 34.44 25.06
CA PRO D 14 -0.56 33.64 25.40
C PRO D 14 -1.87 34.30 24.98
N GLY D 15 -2.69 33.55 24.27
CA GLY D 15 -4.00 34.03 23.83
C GLY D 15 -4.01 34.47 22.38
N ALA D 16 -2.83 34.56 21.77
CA ALA D 16 -2.70 35.03 20.40
C ALA D 16 -2.97 33.93 19.39
N SER D 17 -2.63 34.18 18.13
CA SER D 17 -2.85 33.19 17.08
C SER D 17 -1.56 32.92 16.31
N VAL D 18 -1.47 31.73 15.73
CA VAL D 18 -0.28 31.37 14.96
C VAL D 18 -0.65 30.60 13.69
N ARG D 19 0.08 30.87 12.61
CA ARG D 19 -0.12 30.17 11.33
C ARG D 19 1.16 29.52 10.83
N VAL D 20 1.09 28.21 10.62
CA VAL D 20 2.22 27.46 10.09
C VAL D 20 1.90 27.02 8.66
N SER D 21 2.86 27.21 7.78
CA SER D 21 2.71 26.82 6.37
C SER D 21 3.40 25.49 6.14
N CYS D 22 3.02 24.81 5.06
CA CYS D 22 3.59 23.52 4.76
C CYS D 22 3.51 23.27 3.26
N LYS D 23 4.64 23.42 2.59
CA LYS D 23 4.71 23.32 1.14
C LYS D 23 5.25 21.97 0.70
N ALA D 24 4.38 21.16 0.12
CA ALA D 24 4.75 19.83 -0.35
C ALA D 24 5.19 19.84 -1.81
N SER D 25 6.20 19.03 -2.12
CA SER D 25 6.65 18.90 -3.50
C SER D 25 7.18 17.49 -3.78
N GLY D 26 7.10 17.06 -5.04
CA GLY D 26 7.59 15.75 -5.43
C GLY D 26 6.49 14.73 -5.57
N TYR D 27 5.24 15.17 -5.39
CA TYR D 27 4.07 14.30 -5.54
C TYR D 27 2.80 15.14 -5.79
N THR D 28 1.70 14.48 -6.13
CA THR D 28 0.44 15.17 -6.40
C THR D 28 -0.28 15.60 -5.10
N PHE D 29 -0.26 16.90 -4.81
CA PHE D 29 -0.81 17.45 -3.57
C PHE D 29 -2.26 17.05 -3.28
N THR D 30 -3.07 16.98 -4.32
CA THR D 30 -4.51 16.77 -4.14
C THR D 30 -4.92 15.29 -4.10
N ASP D 31 -3.96 14.39 -3.97
CA ASP D 31 -4.25 12.95 -3.96
C ASP D 31 -3.93 12.29 -2.62
N TYR D 32 -3.26 13.03 -1.73
CA TYR D 32 -2.85 12.49 -0.44
C TYR D 32 -3.32 13.37 0.71
N TYR D 33 -3.87 12.73 1.74
CA TYR D 33 -4.31 13.43 2.94
C TYR D 33 -3.12 14.11 3.64
N ILE D 34 -3.35 15.28 4.24
CA ILE D 34 -2.29 15.92 5.01
C ILE D 34 -2.69 15.89 6.49
N HIS D 35 -1.80 15.40 7.33
CA HIS D 35 -2.07 15.32 8.76
C HIS D 35 -1.23 16.34 9.52
N TRP D 36 -1.77 16.86 10.61
CA TRP D 36 -1.04 17.76 11.48
C TRP D 36 -0.87 17.12 12.85
N VAL D 37 0.37 17.09 13.31
CA VAL D 37 0.74 16.46 14.58
C VAL D 37 1.64 17.43 15.32
N ARG D 38 1.78 17.29 16.63
CA ARG D 38 2.68 18.14 17.41
C ARG D 38 3.33 17.38 18.56
N GLN D 39 4.47 17.87 19.04
CA GLN D 39 5.18 17.23 20.13
C GLN D 39 5.68 18.24 21.15
N ALA D 40 5.12 18.17 22.36
CA ALA D 40 5.55 19.04 23.45
C ALA D 40 6.93 18.60 23.90
N PRO D 41 7.79 19.56 24.27
CA PRO D 41 9.14 19.27 24.74
C PRO D 41 9.15 18.25 25.88
N GLY D 42 9.77 17.10 25.64
CA GLY D 42 9.87 16.05 26.64
C GLY D 42 8.80 14.97 26.65
N GLN D 43 7.55 15.31 26.34
CA GLN D 43 6.46 14.34 26.39
C GLN D 43 6.44 13.49 25.10
N GLY D 44 5.24 13.16 24.62
CA GLY D 44 5.06 12.37 23.41
C GLY D 44 4.44 13.17 22.28
N PRO D 45 3.83 12.46 21.30
CA PRO D 45 3.18 13.04 20.13
C PRO D 45 1.70 13.33 20.40
N GLU D 46 1.10 14.23 19.62
CA GLU D 46 -0.30 14.57 19.80
C GLU D 46 -0.90 14.86 18.44
N TRP D 47 -1.84 14.01 18.02
CA TRP D 47 -2.43 14.17 16.71
C TRP D 47 -3.38 15.36 16.70
N MET D 48 -3.14 16.31 15.80
CA MET D 48 -3.90 17.55 15.77
C MET D 48 -5.03 17.55 14.75
N GLY D 49 -4.80 16.93 13.59
CA GLY D 49 -5.88 16.82 12.63
C GLY D 49 -5.54 16.14 11.32
N TRP D 50 -6.55 15.98 10.47
CA TRP D 50 -6.30 15.60 9.08
C TRP D 50 -7.11 16.53 8.18
N ILE D 51 -6.63 16.71 6.96
CA ILE D 51 -7.27 17.59 5.98
C ILE D 51 -7.11 17.00 4.57
N ASN D 52 -8.21 17.03 3.83
CA ASN D 52 -8.23 16.63 2.42
C ASN D 52 -7.93 17.85 1.56
N PRO D 53 -6.72 17.91 0.99
CA PRO D 53 -6.26 19.04 0.18
C PRO D 53 -7.13 19.28 -1.06
N SER D 54 -7.68 18.22 -1.61
CA SER D 54 -8.45 18.30 -2.84
C SER D 54 -9.84 18.92 -2.63
N THR D 55 -10.49 18.54 -1.54
CA THR D 55 -11.85 19.00 -1.29
C THR D 55 -11.91 20.13 -0.26
N GLY D 56 -10.94 20.16 0.64
CA GLY D 56 -10.89 21.21 1.65
C GLY D 56 -11.54 20.73 2.94
N ARG D 57 -12.00 19.50 2.94
CA ARG D 57 -12.59 18.89 4.12
C ARG D 57 -11.53 18.67 5.18
N THR D 58 -11.79 19.12 6.40
CA THR D 58 -10.84 18.94 7.49
C THR D 58 -11.54 18.28 8.66
N ASN D 59 -10.80 17.47 9.40
CA ASN D 59 -11.31 16.88 10.62
C ASN D 59 -10.23 16.90 11.69
N SER D 60 -10.64 17.25 12.90
CA SER D 60 -9.73 17.35 14.02
C SER D 60 -10.37 16.57 15.18
N PRO D 61 -9.58 16.17 16.19
CA PRO D 61 -10.17 15.45 17.31
C PRO D 61 -10.98 16.40 18.18
N GLN D 62 -11.10 16.09 19.47
CA GLN D 62 -11.79 17.00 20.36
C GLN D 62 -10.75 18.01 20.79
N LYS D 63 -10.94 18.60 21.97
CA LYS D 63 -9.99 19.56 22.55
C LYS D 63 -9.30 20.57 21.62
N PHE D 64 -9.32 20.28 20.31
CA PHE D 64 -8.77 21.18 19.30
C PHE D 64 -9.88 21.63 18.38
N GLN D 65 -11.01 20.94 18.47
CA GLN D 65 -12.12 21.09 17.52
C GLN D 65 -12.64 22.52 17.36
N GLY D 66 -12.36 23.38 18.35
CA GLY D 66 -12.82 24.75 18.31
C GLY D 66 -11.74 25.76 17.99
N ARG D 67 -10.49 25.42 18.29
CA ARG D 67 -9.36 26.34 18.17
C ARG D 67 -8.56 26.22 16.87
N VAL D 68 -8.59 25.06 16.23
CA VAL D 68 -7.73 24.79 15.08
C VAL D 68 -8.44 25.02 13.76
N THR D 69 -7.77 25.75 12.86
CA THR D 69 -8.28 25.97 11.50
C THR D 69 -7.26 25.52 10.46
N MET D 70 -7.54 24.41 9.80
CA MET D 70 -6.65 23.87 8.79
C MET D 70 -7.19 24.18 7.40
N THR D 71 -6.38 24.85 6.59
CA THR D 71 -6.80 25.26 5.26
C THR D 71 -5.75 24.83 4.24
N ARG D 72 -6.00 25.11 2.97
CA ARG D 72 -5.00 24.78 1.95
C ARG D 72 -5.09 25.72 0.76
N ASP D 73 -3.97 25.84 0.04
CA ASP D 73 -3.90 26.62 -1.19
C ASP D 73 -3.37 25.68 -2.27
N THR D 74 -4.28 25.20 -3.12
CA THR D 74 -3.94 24.20 -4.13
C THR D 74 -3.10 24.77 -5.28
N SER D 75 -3.28 26.06 -5.55
CA SER D 75 -2.58 26.71 -6.66
C SER D 75 -1.07 26.72 -6.44
N ILE D 76 -0.66 26.82 -5.18
CA ILE D 76 0.76 26.82 -4.81
C ILE D 76 1.13 25.55 -4.05
N SER D 77 0.10 24.72 -3.78
CA SER D 77 0.24 23.45 -3.07
C SER D 77 0.86 23.63 -1.68
N THR D 78 0.14 24.33 -0.80
CA THR D 78 0.62 24.56 0.56
C THR D 78 -0.52 24.49 1.58
N ALA D 79 -0.33 23.70 2.63
CA ALA D 79 -1.33 23.57 3.69
C ALA D 79 -1.03 24.52 4.84
N TYR D 80 -2.10 24.98 5.50
CA TYR D 80 -1.95 25.95 6.57
C TYR D 80 -2.63 25.44 7.83
N MET D 81 -1.97 25.66 8.97
CA MET D 81 -2.54 25.30 10.26
C MET D 81 -2.58 26.54 11.15
N ASP D 82 -3.77 26.87 11.64
CA ASP D 82 -3.96 28.06 12.45
C ASP D 82 -4.43 27.68 13.84
N LEU D 83 -3.67 28.06 14.85
CA LEU D 83 -4.07 27.76 16.22
C LEU D 83 -4.34 29.06 16.95
N ASN D 84 -5.47 29.09 17.65
CA ASN D 84 -5.89 30.28 18.37
C ASN D 84 -5.92 30.05 19.87
N ARG D 85 -6.02 31.15 20.62
CA ARG D 85 -6.05 31.11 22.08
C ARG D 85 -4.90 30.24 22.61
N LEU D 86 -3.67 30.73 22.44
CA LEU D 86 -2.47 29.98 22.80
C LEU D 86 -2.16 30.02 24.30
N THR D 87 -1.63 28.91 24.81
CA THR D 87 -1.16 28.80 26.19
C THR D 87 0.22 28.12 26.22
N SER D 88 0.80 28.01 27.40
CA SER D 88 2.09 27.34 27.56
C SER D 88 1.99 25.86 27.22
N ASP D 89 0.77 25.34 27.19
CA ASP D 89 0.51 23.95 26.83
C ASP D 89 0.58 23.76 25.32
N ASP D 90 0.58 24.88 24.59
CA ASP D 90 0.66 24.84 23.13
C ASP D 90 2.12 24.96 22.67
N THR D 91 3.03 25.20 23.61
CA THR D 91 4.46 25.21 23.29
C THR D 91 4.90 23.82 22.86
N ALA D 92 5.17 23.67 21.56
CA ALA D 92 5.55 22.36 21.02
C ALA D 92 6.18 22.48 19.64
N MET D 93 6.69 21.37 19.13
CA MET D 93 7.20 21.29 17.76
C MET D 93 6.08 20.80 16.85
N TYR D 94 5.72 21.59 15.85
CA TYR D 94 4.59 21.25 15.00
C TYR D 94 5.02 20.64 13.66
N TYR D 95 4.55 19.42 13.41
CA TYR D 95 4.87 18.70 12.18
C TYR D 95 3.64 18.51 11.30
N CYS D 96 3.85 18.56 9.99
CA CYS D 96 2.83 18.14 9.04
C CYS D 96 3.36 16.93 8.29
N THR D 97 2.50 15.94 8.09
CA THR D 97 2.91 14.70 7.44
C THR D 97 1.94 14.33 6.32
N THR D 98 2.38 13.39 5.47
CA THR D 98 1.54 12.91 4.38
C THR D 98 0.76 11.69 4.85
N GLY D 99 -0.53 11.67 4.56
CA GLY D 99 -1.39 10.58 5.01
C GLY D 99 -1.60 9.49 3.98
N GLY D 100 -2.78 8.88 3.99
CA GLY D 100 -3.09 7.83 3.05
C GLY D 100 -3.53 8.39 1.71
N TRP D 101 -3.70 7.51 0.73
CA TRP D 101 -4.10 7.94 -0.61
C TRP D 101 -5.60 8.23 -0.62
N ILE D 102 -5.99 9.39 -1.15
CA ILE D 102 -7.39 9.77 -1.20
C ILE D 102 -8.16 8.92 -2.20
N GLY D 103 -9.06 8.07 -1.70
CA GLY D 103 -9.77 7.14 -2.57
C GLY D 103 -11.25 7.47 -2.74
N LEU D 104 -11.84 6.95 -3.80
CA LEU D 104 -13.25 7.18 -4.11
C LEU D 104 -14.22 6.22 -3.41
N TYR D 105 -13.96 4.91 -3.49
CA TYR D 105 -14.91 3.93 -3.00
C TYR D 105 -14.72 3.63 -1.51
N SER D 106 -13.90 4.43 -0.83
CA SER D 106 -13.58 4.17 0.57
C SER D 106 -13.25 5.43 1.36
N ASP D 107 -12.59 5.23 2.50
CA ASP D 107 -12.13 6.32 3.34
C ASP D 107 -10.80 5.96 4.00
N THR D 108 -9.71 6.46 3.40
CA THR D 108 -8.37 6.17 3.90
C THR D 108 -7.86 7.39 4.66
N SER D 109 -8.78 8.23 5.11
CA SER D 109 -8.43 9.44 5.85
C SER D 109 -7.77 9.09 7.17
N GLY D 110 -8.37 8.13 7.87
CA GLY D 110 -7.94 7.79 9.20
C GLY D 110 -6.81 6.79 9.23
N TYR D 111 -6.24 6.51 8.07
CA TYR D 111 -5.07 5.64 8.00
C TYR D 111 -3.86 6.38 8.60
N PRO D 112 -3.32 5.85 9.71
CA PRO D 112 -2.14 6.43 10.38
C PRO D 112 -0.86 6.16 9.59
N ASN D 113 -0.89 6.43 8.30
CA ASN D 113 0.25 6.15 7.43
C ASN D 113 1.01 7.42 7.08
N PHE D 114 1.88 7.85 7.98
CA PHE D 114 2.66 9.06 7.78
C PHE D 114 4.06 8.68 7.35
N ASP D 115 4.25 8.45 6.05
CA ASP D 115 5.53 7.99 5.52
C ASP D 115 6.54 9.12 5.43
N TYR D 116 6.04 10.33 5.16
CA TYR D 116 6.88 11.51 5.02
C TYR D 116 6.52 12.61 6.01
N TRP D 117 7.55 13.24 6.57
CA TRP D 117 7.38 14.25 7.59
C TRP D 117 7.97 15.59 7.16
N GLY D 118 7.48 16.66 7.77
CA GLY D 118 8.07 17.98 7.58
C GLY D 118 9.30 18.06 8.46
N GLN D 119 10.00 19.19 8.42
CA GLN D 119 11.20 19.35 9.22
C GLN D 119 10.85 19.79 10.63
N GLY D 120 9.64 20.33 10.79
CA GLY D 120 9.14 20.75 12.08
C GLY D 120 9.20 22.25 12.29
N THR D 121 8.21 22.79 13.00
CA THR D 121 8.14 24.22 13.29
C THR D 121 8.07 24.43 14.80
N LEU D 122 9.14 24.97 15.38
CA LEU D 122 9.20 25.17 16.82
C LEU D 122 8.37 26.38 17.24
N VAL D 123 7.40 26.14 18.11
CA VAL D 123 6.54 27.20 18.60
C VAL D 123 6.62 27.28 20.13
N THR D 124 6.92 28.47 20.64
CA THR D 124 7.07 28.70 22.08
C THR D 124 6.14 29.81 22.56
N VAL D 125 5.32 29.51 23.57
CA VAL D 125 4.36 30.48 24.11
C VAL D 125 4.68 30.90 25.55
N SER D 126 4.82 32.20 25.75
CA SER D 126 5.10 32.77 27.06
C SER D 126 4.79 34.25 27.09
N SER D 143 -4.59 10.61 27.91
CA SER D 143 -3.53 9.62 27.89
C SER D 143 -3.60 8.69 26.66
N ALA D 144 -4.83 8.44 26.20
CA ALA D 144 -5.07 7.63 24.98
C ALA D 144 -4.57 6.19 25.14
N LEU D 145 -3.63 5.80 24.29
CA LEU D 145 -3.11 4.43 24.30
C LEU D 145 -2.09 4.18 25.40
N THR D 146 -2.18 3.01 26.01
CA THR D 146 -1.35 2.67 27.14
C THR D 146 -0.12 1.89 26.67
N GLN D 147 1.05 2.53 26.75
CA GLN D 147 2.33 1.87 26.50
C GLN D 147 3.12 1.79 27.80
N PRO D 148 3.98 0.76 27.93
CA PRO D 148 4.86 0.72 29.10
C PRO D 148 5.85 1.88 29.07
N ALA D 149 6.33 2.30 30.24
CA ALA D 149 7.21 3.47 30.32
C ALA D 149 8.55 3.20 29.64
N SER D 150 9.24 2.16 30.09
CA SER D 150 10.55 1.82 29.54
C SER D 150 10.71 0.31 29.38
N VAL D 151 11.53 -0.08 28.41
CA VAL D 151 11.83 -1.50 28.20
C VAL D 151 13.34 -1.66 28.05
N SER D 152 13.90 -2.61 28.80
CA SER D 152 15.35 -2.80 28.82
C SER D 152 15.75 -4.16 28.27
N GLY D 153 16.88 -4.18 27.56
CA GLY D 153 17.37 -5.41 26.97
C GLY D 153 18.88 -5.42 26.74
N SER D 154 19.42 -6.61 26.49
CA SER D 154 20.84 -6.75 26.15
C SER D 154 20.97 -7.08 24.67
N PRO D 155 22.10 -6.70 24.05
CA PRO D 155 22.35 -6.91 22.61
C PRO D 155 22.15 -8.36 22.15
N GLY D 156 21.69 -8.53 20.92
CA GLY D 156 21.45 -9.84 20.36
C GLY D 156 20.07 -10.41 20.66
N GLN D 157 19.53 -10.03 21.82
CA GLN D 157 18.23 -10.51 22.28
C GLN D 157 17.07 -10.03 21.40
N SER D 158 15.86 -10.47 21.75
CA SER D 158 14.65 -10.03 21.07
C SER D 158 13.68 -9.48 22.11
N ILE D 159 13.20 -8.25 21.89
CA ILE D 159 12.33 -7.59 22.87
C ILE D 159 11.02 -7.15 22.24
N THR D 160 10.02 -6.91 23.09
CA THR D 160 8.68 -6.55 22.62
C THR D 160 8.10 -5.37 23.37
N ILE D 161 7.63 -4.38 22.61
CA ILE D 161 6.96 -3.21 23.17
C ILE D 161 5.45 -3.37 22.97
N SER D 162 4.69 -3.20 24.05
CA SER D 162 3.25 -3.44 24.00
C SER D 162 2.45 -2.15 23.80
N CYS D 163 1.28 -2.28 23.20
CA CYS D 163 0.40 -1.16 22.92
C CYS D 163 -1.06 -1.57 23.06
N THR D 164 -1.68 -1.23 24.18
CA THR D 164 -3.05 -1.67 24.47
C THR D 164 -4.09 -0.58 24.23
N GLY D 165 -5.15 -0.92 23.51
CA GLY D 165 -6.23 0.01 23.26
C GLY D 165 -7.57 -0.50 23.74
N THR D 166 -8.63 -0.21 22.99
CA THR D 166 -9.98 -0.65 23.34
C THR D 166 -10.59 -1.50 22.23
N ASN D 167 -11.90 -1.71 22.29
CA ASN D 167 -12.59 -2.56 21.33
C ASN D 167 -12.92 -1.83 20.02
N TYR D 168 -13.09 -0.52 20.09
CA TYR D 168 -13.55 0.27 18.95
C TYR D 168 -12.41 0.74 18.05
N ASP D 169 -11.18 0.44 18.47
CA ASP D 169 -9.99 0.86 17.74
C ASP D 169 -9.09 -0.30 17.32
N VAL D 170 -8.10 -0.62 18.14
CA VAL D 170 -7.16 -1.68 17.81
C VAL D 170 -7.81 -3.07 17.86
N GLY D 171 -9.03 -3.13 18.40
CA GLY D 171 -9.77 -4.37 18.51
C GLY D 171 -10.52 -4.76 17.25
N SER D 172 -11.05 -3.77 16.55
CA SER D 172 -11.87 -4.03 15.37
C SER D 172 -11.24 -3.51 14.08
N TYR D 173 -9.97 -3.10 14.17
CA TYR D 173 -9.24 -2.62 13.01
C TYR D 173 -7.78 -3.07 13.01
N ASN D 174 -7.28 -3.45 11.84
CA ASN D 174 -5.86 -3.73 11.65
C ASN D 174 -5.14 -2.48 11.19
N LEU D 175 -5.33 -1.37 11.91
CA LEU D 175 -4.80 -0.08 11.48
C LEU D 175 -3.88 0.52 12.54
N VAL D 176 -2.80 -0.20 12.83
CA VAL D 176 -1.81 0.24 13.80
C VAL D 176 -0.47 0.49 13.11
N SER D 177 0.17 1.62 13.42
CA SER D 177 1.47 1.96 12.85
C SER D 177 2.47 2.27 13.96
N TRP D 178 3.72 1.86 13.78
CA TRP D 178 4.76 2.10 14.78
C TRP D 178 5.84 3.06 14.26
N TYR D 179 6.23 4.01 15.12
CA TYR D 179 7.22 5.03 14.79
C TYR D 179 8.37 5.10 15.79
N GLN D 180 9.57 5.36 15.28
CA GLN D 180 10.78 5.49 16.09
C GLN D 180 11.24 6.94 16.11
N GLN D 181 11.75 7.38 17.26
CA GLN D 181 12.27 8.73 17.35
C GLN D 181 13.53 8.77 18.21
N HIS D 182 14.64 9.15 17.58
CA HIS D 182 15.87 9.45 18.27
C HIS D 182 15.76 10.84 18.87
N PRO D 183 16.45 11.10 19.99
CA PRO D 183 16.40 12.44 20.61
C PRO D 183 16.84 13.56 19.66
N GLY D 184 15.92 14.48 19.37
CA GLY D 184 16.22 15.61 18.50
C GLY D 184 15.96 15.34 17.04
N LYS D 185 15.46 14.14 16.72
CA LYS D 185 15.21 13.75 15.34
C LYS D 185 13.71 13.60 15.06
N VAL D 186 13.36 13.66 13.78
CA VAL D 186 11.98 13.48 13.35
C VAL D 186 11.59 12.01 13.45
N PRO D 187 10.35 11.73 13.89
CA PRO D 187 9.87 10.35 13.92
C PRO D 187 10.05 9.63 12.59
N LYS D 188 10.24 8.32 12.66
CA LYS D 188 10.50 7.52 11.47
C LYS D 188 9.50 6.37 11.34
N TYR D 189 9.01 6.15 10.12
CA TYR D 189 8.12 5.03 9.81
C TYR D 189 8.79 3.70 10.15
N ILE D 190 8.16 2.88 10.98
CA ILE D 190 8.68 1.54 11.25
C ILE D 190 7.71 0.49 10.77
N ILE D 191 6.48 0.57 11.28
CA ILE D 191 5.47 -0.44 10.96
C ILE D 191 4.18 0.26 10.51
N TYR D 192 3.44 -0.36 9.59
CA TYR D 192 2.13 0.15 9.23
C TYR D 192 1.16 -1.00 9.00
N GLU D 193 -0.10 -0.81 9.40
CA GLU D 193 -1.13 -1.83 9.25
C GLU D 193 -0.70 -3.16 9.88
N VAL D 194 -0.25 -3.08 11.13
CA VAL D 194 0.06 -4.23 12.00
C VAL D 194 1.29 -5.06 11.64
N ASN D 195 1.35 -5.57 10.42
CA ASN D 195 2.41 -6.54 10.08
C ASN D 195 3.35 -6.08 8.98
N LYS D 196 2.94 -5.05 8.26
CA LYS D 196 3.65 -4.62 7.06
C LYS D 196 4.84 -3.70 7.37
N ARG D 197 5.92 -3.86 6.59
CA ARG D 197 7.09 -2.99 6.70
C ARG D 197 7.20 -2.09 5.48
N PRO D 198 7.44 -0.79 5.72
CA PRO D 198 7.74 0.16 4.64
C PRO D 198 9.08 -0.16 3.98
N SER D 199 9.42 0.57 2.93
CA SER D 199 10.67 0.32 2.23
C SER D 199 11.88 0.77 3.05
N GLY D 200 12.93 -0.03 3.03
CA GLY D 200 14.17 0.34 3.70
C GLY D 200 14.17 -0.05 5.17
N VAL D 201 13.00 -0.41 5.68
CA VAL D 201 12.85 -0.77 7.08
C VAL D 201 13.42 -2.14 7.36
N SER D 202 14.32 -2.20 8.35
CA SER D 202 15.00 -3.43 8.73
C SER D 202 14.02 -4.55 9.10
N ASN D 203 14.34 -5.77 8.67
CA ASN D 203 13.51 -6.95 8.94
C ASN D 203 13.50 -7.37 10.41
N ARG D 204 14.30 -6.69 11.22
CA ARG D 204 14.41 -6.97 12.64
C ARG D 204 13.12 -6.55 13.33
N PHE D 205 12.36 -5.69 12.66
CA PHE D 205 11.10 -5.20 13.18
C PHE D 205 9.93 -6.04 12.67
N SER D 206 9.11 -6.52 13.59
CA SER D 206 7.94 -7.32 13.26
C SER D 206 6.75 -6.87 14.07
N GLY D 207 5.55 -7.01 13.51
CA GLY D 207 4.36 -6.57 14.20
C GLY D 207 3.50 -7.74 14.63
N SER D 208 2.72 -7.54 15.70
CA SER D 208 1.84 -8.58 16.18
C SER D 208 0.57 -7.97 16.76
N LYS D 209 -0.47 -8.79 16.90
CA LYS D 209 -1.78 -8.31 17.36
C LYS D 209 -2.61 -9.38 18.05
N SER D 210 -3.19 -9.04 19.20
CA SER D 210 -4.13 -9.92 19.91
C SER D 210 -5.12 -9.10 20.73
N GLY D 211 -6.41 -9.34 20.47
CA GLY D 211 -7.47 -8.64 21.19
C GLY D 211 -7.38 -7.14 21.03
N ASN D 212 -7.20 -6.44 22.15
CA ASN D 212 -7.06 -4.99 22.14
C ASN D 212 -5.61 -4.57 22.41
N THR D 213 -4.66 -5.39 21.97
CA THR D 213 -3.25 -5.07 22.18
C THR D 213 -2.39 -5.47 20.98
N ALA D 214 -1.72 -4.49 20.39
CA ALA D 214 -0.73 -4.75 19.34
C ALA D 214 0.64 -4.70 19.98
N SER D 215 1.63 -5.28 19.33
CA SER D 215 2.98 -5.31 19.90
C SER D 215 4.06 -5.28 18.83
N LEU D 216 5.06 -4.44 19.06
CA LEU D 216 6.20 -4.34 18.16
C LEU D 216 7.39 -5.13 18.69
N THR D 217 7.90 -6.04 17.87
CA THR D 217 8.98 -6.92 18.28
C THR D 217 10.26 -6.65 17.50
N ILE D 218 11.34 -6.38 18.24
CA ILE D 218 12.65 -6.16 17.64
C ILE D 218 13.56 -7.34 17.95
N SER D 219 13.95 -8.06 16.91
CA SER D 219 14.85 -9.20 17.06
C SER D 219 16.26 -8.77 16.65
N GLY D 220 17.28 -9.45 17.17
CA GLY D 220 18.66 -9.06 16.93
C GLY D 220 18.92 -7.62 17.34
N LEU D 221 18.64 -7.31 18.61
CA LEU D 221 18.74 -5.94 19.14
C LEU D 221 20.13 -5.32 18.95
N GLN D 222 20.15 -4.01 18.70
CA GLN D 222 21.39 -3.28 18.44
C GLN D 222 21.40 -1.94 19.16
N ALA D 223 22.55 -1.24 19.10
CA ALA D 223 22.71 0.04 19.77
C ALA D 223 21.98 1.19 19.05
N GLU D 224 21.75 1.02 17.75
CA GLU D 224 21.02 2.02 16.96
C GLU D 224 19.56 2.04 17.35
N ASP D 225 19.14 0.98 18.03
CA ASP D 225 17.75 0.77 18.37
C ASP D 225 17.36 1.53 19.63
N GLU D 226 18.34 2.18 20.25
CA GLU D 226 18.07 3.02 21.41
C GLU D 226 17.33 4.29 20.99
N ALA D 227 16.04 4.33 21.26
CA ALA D 227 15.21 5.48 20.92
C ALA D 227 13.86 5.37 21.62
N THR D 228 12.97 6.32 21.36
CA THR D 228 11.64 6.26 21.94
C THR D 228 10.70 5.72 20.87
N TYR D 229 9.79 4.83 21.26
CA TYR D 229 8.91 4.18 20.29
C TYR D 229 7.46 4.49 20.57
N TYR D 230 6.75 4.94 19.54
CA TYR D 230 5.36 5.31 19.71
C TYR D 230 4.48 4.44 18.83
N CYS D 231 3.26 4.16 19.30
CA CYS D 231 2.31 3.40 18.52
C CYS D 231 1.09 4.28 18.28
N CYS D 232 0.65 4.24 17.02
CA CYS D 232 -0.42 5.07 16.49
C CYS D 232 -1.57 4.17 16.01
N SER D 233 -2.83 4.55 16.26
CA SER D 233 -3.93 3.74 15.75
C SER D 233 -5.18 4.53 15.32
N TYR D 234 -5.99 3.87 14.51
CA TYR D 234 -7.29 4.38 14.08
C TYR D 234 -8.13 4.55 15.35
N ALA D 235 -9.18 5.37 15.32
CA ALA D 235 -9.83 5.72 16.59
C ALA D 235 -11.35 5.86 16.53
N GLY D 236 -11.97 5.35 15.48
CA GLY D 236 -13.42 5.43 15.41
C GLY D 236 -13.89 6.43 14.38
N SER D 237 -14.65 7.43 14.85
CA SER D 237 -15.27 8.40 13.97
C SER D 237 -14.24 9.27 13.26
N SER D 238 -13.59 8.68 12.26
CA SER D 238 -12.61 9.35 11.40
C SER D 238 -11.59 10.15 12.20
N ILE D 239 -10.97 9.52 13.19
CA ILE D 239 -9.97 10.17 14.01
C ILE D 239 -8.82 9.19 14.29
N ILE D 240 -7.63 9.70 14.59
CA ILE D 240 -6.48 8.86 14.92
C ILE D 240 -5.89 9.28 16.28
N PHE D 241 -5.49 8.33 17.12
CA PHE D 241 -4.79 8.72 18.36
C PHE D 241 -3.39 8.13 18.43
N PHE D 242 -2.56 8.80 19.23
CA PHE D 242 -1.18 8.39 19.47
C PHE D 242 -0.99 7.88 20.89
N GLY D 243 0.09 7.14 21.11
CA GLY D 243 0.41 6.61 22.43
C GLY D 243 1.33 7.49 23.25
N GLY D 244 1.62 7.08 24.48
CA GLY D 244 2.48 7.84 25.36
C GLY D 244 3.96 7.63 25.09
N GLY D 245 4.31 6.48 24.54
CA GLY D 245 5.69 6.17 24.19
C GLY D 245 6.42 5.20 25.09
N THR D 246 7.50 4.61 24.56
CA THR D 246 8.30 3.63 25.30
C THR D 246 9.77 3.81 24.98
N LYS D 247 10.59 3.97 26.02
CA LYS D 247 12.02 4.19 25.82
C LYS D 247 12.80 2.88 25.98
N LEU D 248 13.50 2.49 24.91
CA LEU D 248 14.30 1.27 24.90
C LEU D 248 15.73 1.53 25.37
N THR D 249 16.18 0.72 26.34
CA THR D 249 17.53 0.84 26.87
C THR D 249 18.36 -0.43 26.65
N VAL D 250 19.59 -0.26 26.16
CA VAL D 250 20.46 -1.41 25.90
C VAL D 250 21.60 -1.53 26.91
N HIS D 251 21.58 -2.60 27.69
CA HIS D 251 22.59 -2.85 28.71
C HIS D 251 23.92 -3.29 28.11
#